data_8ZNJ
#
_entry.id   8ZNJ
#
_cell.length_a   1.00
_cell.length_b   1.00
_cell.length_c   1.00
_cell.angle_alpha   90.00
_cell.angle_beta   90.00
_cell.angle_gamma   90.00
#
_symmetry.space_group_name_H-M   'P 1'
#
loop_
_entity.id
_entity.type
_entity.pdbx_description
1 polymer 'Piwi domain-containing protein'
2 polymer 'SiAgo-associated protein1, SiAga1'
3 polymer "RNA (5'-R(P*UP*CP*AP*AP*AP*GP*CP*UP*UP*AP*GP*AP*UP*AP*CP*CP*CP*UP*GP*GP*A)-3')"
4 polymer "DNA (5'-D(*CP*CP*TP*CP*CP*AP*GP*GP*GP*TP*AP*TP*CP*TP*AP*AP*GP*CP*TP*TP*TP*GP*AP*A)-3')"
5 non-polymer 'MAGNESIUM ION'
#
loop_
_entity_poly.entity_id
_entity_poly.type
_entity_poly.pdbx_seq_one_letter_code
_entity_poly.pdbx_strand_id
1 'polypeptide(L)'
;MSEYATILPENKINVIFRSNNKYHVPEFITVFKPYEGRDINLQVLVVNGDNEIYDLTKLLFYEIYVKDDTKYPWPYTKTR
GGISRVFGIRYNFDPSTISRININSENDFISSISNQLDMNRFNVAVIIANRKLTKEFHDKTKAALIGSRIRTQFVTFTTL
KRLKNRKYKATIPLPLAVQLIAKAGGTPWIVDSSIYNDLSKNVSSNGMLMGIAFARTRKDKITYSVGYFTTLNNYYQRFD
VQPINESAPITDSTEGLYVPKEAMVKTLESGIGWYKNIIGITPPLLIIFKTSPMHKDEKEAIEAVLGKDIKWVFIHAQYN
TPVRIFGNKEDDYKVNRGTVIIKKRKRWNPNNGDYLHSEIVITATGKYRKPSTKNPSETEERYISGTPRPITLNVYSSFD
VNPIGVAELTLSQIKADWEHPDIRKRKITVLKYANRMAKIIQYINNLSSVPSVDVRDVL
;
A
2 'polypeptide(L)'
;MVLESNMFKTEQELPELIVNCIEIDNEKEAHKVVKEISKYGIFGVVREKKIFFTTVIEDDDFLKDRLTEVLKNYNINFSD
IKKNCKKIIPEDNKDYFSQIFLNALRYVIYQKLEDINKDKKENERWTINESEDGVYICKERYDIDNYKICVGAKFTIKVF
DNKAELYVDRKLKLYDEDKKLTRKLRGKINKMSVVEPKTRYEFIREIIQEISGNFDYINIKLSKDYTVNMTRTKLNEKLP
TPF
;
B
3 'polyribonucleotide' UCAAAGCUUAGAUACCCUGGA D
4 'polydeoxyribonucleotide'
;(DC)(DC)(DT)(DC)(DC)(DA)(DG)(DG)(DG)(DT)(DA)(DT)(DC)(DT)(DA)(DA)(DG)(DC)(DT)(DT)
(DT)(DG)(DA)(DA)
;
E
#
loop_
_chem_comp.id
_chem_comp.type
_chem_comp.name
_chem_comp.formula
A RNA linking ADENOSINE-5'-MONOPHOSPHATE 'C10 H14 N5 O7 P'
C RNA linking CYTIDINE-5'-MONOPHOSPHATE 'C9 H14 N3 O8 P'
DA DNA linking 2'-DEOXYADENOSINE-5'-MONOPHOSPHATE 'C10 H14 N5 O6 P'
DC DNA linking 2'-DEOXYCYTIDINE-5'-MONOPHOSPHATE 'C9 H14 N3 O7 P'
DG DNA linking 2'-DEOXYGUANOSINE-5'-MONOPHOSPHATE 'C10 H14 N5 O7 P'
DT DNA linking THYMIDINE-5'-MONOPHOSPHATE 'C10 H15 N2 O8 P'
G RNA linking GUANOSINE-5'-MONOPHOSPHATE 'C10 H14 N5 O8 P'
MG non-polymer 'MAGNESIUM ION' 'Mg 2'
U RNA linking URIDINE-5'-MONOPHOSPHATE 'C9 H13 N2 O9 P'
#
# COMPACT_ATOMS: atom_id res chain seq x y z
N MET A 1 -10.76 -19.67 -12.53
CA MET A 1 -11.94 -20.35 -11.95
C MET A 1 -11.79 -20.49 -10.43
N SER A 2 -12.79 -20.01 -9.69
CA SER A 2 -12.77 -20.08 -8.24
C SER A 2 -11.57 -19.32 -7.68
N GLU A 3 -11.14 -19.68 -6.49
CA GLU A 3 -9.96 -19.08 -5.86
C GLU A 3 -8.77 -20.00 -6.07
N TYR A 4 -7.72 -19.47 -6.70
CA TYR A 4 -6.49 -20.23 -6.92
C TYR A 4 -5.30 -19.31 -6.65
N ALA A 5 -4.10 -19.82 -6.89
CA ALA A 5 -2.91 -19.03 -6.64
C ALA A 5 -1.73 -19.62 -7.39
N THR A 6 -0.69 -18.81 -7.54
CA THR A 6 0.56 -19.25 -8.15
C THR A 6 1.66 -18.31 -7.69
N ILE A 7 2.88 -18.59 -8.15
CA ILE A 7 4.04 -17.73 -7.92
C ILE A 7 4.59 -17.32 -9.27
N LEU A 8 4.70 -16.01 -9.48
CA LEU A 8 5.23 -15.50 -10.73
C LEU A 8 6.76 -15.58 -10.71
N PRO A 9 7.39 -16.29 -11.66
CA PRO A 9 8.85 -16.28 -11.69
C PRO A 9 9.40 -14.86 -11.82
N GLU A 10 10.48 -14.59 -11.10
CA GLU A 10 11.01 -13.24 -11.08
C GLU A 10 11.45 -12.78 -12.46
N ASN A 11 11.96 -13.70 -13.29
CA ASN A 11 12.46 -13.35 -14.61
C ASN A 11 11.34 -13.31 -15.65
N LYS A 12 10.25 -12.60 -15.33
CA LYS A 12 9.17 -12.35 -16.26
C LYS A 12 8.73 -10.89 -16.29
N ILE A 13 9.26 -10.05 -15.41
CA ILE A 13 8.88 -8.64 -15.30
C ILE A 13 10.11 -7.80 -15.64
N ASN A 14 10.93 -8.30 -16.57
CA ASN A 14 12.22 -7.71 -16.87
C ASN A 14 12.10 -6.22 -17.20
N VAL A 15 13.23 -5.51 -17.14
CA VAL A 15 13.33 -4.12 -17.54
C VAL A 15 14.41 -4.02 -18.60
N ILE A 16 14.36 -2.93 -19.37
CA ILE A 16 15.20 -2.76 -20.55
C ILE A 16 16.29 -1.74 -20.24
N PHE A 17 17.52 -2.08 -20.58
CA PHE A 17 18.69 -1.22 -20.48
C PHE A 17 19.26 -0.96 -21.86
N ARG A 18 20.29 -0.12 -21.91
CA ARG A 18 20.92 0.26 -23.16
C ARG A 18 21.16 -0.94 -24.05
N SER A 19 21.04 -0.73 -25.35
CA SER A 19 21.15 -1.78 -26.36
C SER A 19 20.04 -2.82 -26.23
N ASN A 20 18.92 -2.44 -25.62
CA ASN A 20 17.76 -3.32 -25.50
C ASN A 20 18.11 -4.60 -24.74
N ASN A 21 18.62 -4.41 -23.52
CA ASN A 21 19.04 -5.53 -22.67
C ASN A 21 17.99 -5.77 -21.61
N LYS A 22 17.37 -6.95 -21.64
CA LYS A 22 16.28 -7.29 -20.73
C LYS A 22 16.84 -8.03 -19.52
N TYR A 23 16.55 -7.52 -18.33
CA TYR A 23 16.94 -8.20 -17.11
C TYR A 23 16.06 -7.75 -15.96
N HIS A 24 15.85 -8.66 -15.01
CA HIS A 24 14.91 -8.45 -13.92
C HIS A 24 15.56 -7.83 -12.68
N VAL A 25 16.81 -7.38 -12.78
CA VAL A 25 17.49 -6.73 -11.66
C VAL A 25 17.82 -5.30 -12.07
N PRO A 26 17.15 -4.29 -11.53
CA PRO A 26 17.50 -2.90 -11.91
C PRO A 26 18.95 -2.54 -11.64
N GLU A 27 19.57 -3.10 -10.60
CA GLU A 27 20.95 -2.77 -10.29
C GLU A 27 21.90 -3.20 -11.40
N PHE A 28 21.47 -4.09 -12.28
CA PHE A 28 22.26 -4.46 -13.45
C PHE A 28 22.42 -3.28 -14.39
N ILE A 29 21.92 -2.10 -14.00
CA ILE A 29 22.28 -0.86 -14.67
C ILE A 29 23.79 -0.72 -14.67
N THR A 30 24.46 -1.33 -13.70
CA THR A 30 25.92 -1.26 -13.66
C THR A 30 26.59 -2.17 -14.68
N VAL A 31 25.84 -3.07 -15.31
CA VAL A 31 26.38 -3.97 -16.32
C VAL A 31 25.85 -3.66 -17.72
N PHE A 32 24.59 -3.25 -17.85
CA PHE A 32 23.97 -3.00 -19.14
C PHE A 32 23.81 -1.52 -19.45
N LYS A 33 24.38 -0.64 -18.63
CA LYS A 33 24.37 0.79 -18.90
C LYS A 33 22.94 1.33 -18.87
N PRO A 34 22.75 2.63 -18.65
CA PRO A 34 21.38 3.16 -18.58
C PRO A 34 20.71 3.18 -19.94
N TYR A 35 19.40 2.95 -19.93
CA TYR A 35 18.64 2.96 -21.17
C TYR A 35 18.80 4.28 -21.91
N GLU A 36 18.92 5.38 -21.16
CA GLU A 36 19.14 6.70 -21.74
C GLU A 36 20.11 7.45 -20.85
N GLY A 37 20.68 8.53 -21.38
CA GLY A 37 21.66 9.29 -20.63
C GLY A 37 21.69 10.74 -21.03
N ARG A 38 22.16 11.58 -20.11
CA ARG A 38 22.37 12.99 -20.36
C ARG A 38 23.54 13.44 -19.52
N ASP A 39 24.33 14.37 -20.06
CA ASP A 39 25.48 14.89 -19.33
C ASP A 39 25.02 15.53 -18.04
N ILE A 40 25.69 15.19 -16.94
CA ILE A 40 25.36 15.69 -15.61
C ILE A 40 26.32 16.81 -15.25
N ASN A 41 25.79 17.95 -14.84
CA ASN A 41 26.57 19.12 -14.46
C ASN A 41 26.16 19.49 -13.03
N LEU A 42 26.80 18.85 -12.06
CA LEU A 42 26.40 19.01 -10.67
C LEU A 42 26.77 20.39 -10.15
N GLN A 43 25.94 20.89 -9.23
CA GLN A 43 26.21 22.13 -8.50
C GLN A 43 25.98 21.82 -7.02
N VAL A 44 27.01 21.31 -6.35
CA VAL A 44 26.87 20.90 -4.96
C VAL A 44 26.79 22.14 -4.07
N LEU A 45 25.58 22.49 -3.64
CA LEU A 45 25.36 23.62 -2.76
C LEU A 45 25.21 23.09 -1.33
N VAL A 46 26.09 23.55 -0.44
CA VAL A 46 26.09 23.11 0.95
C VAL A 46 25.56 24.23 1.82
N VAL A 47 24.91 23.85 2.92
CA VAL A 47 24.36 24.79 3.88
C VAL A 47 25.21 24.71 5.14
N ASN A 48 25.10 25.72 6.01
CA ASN A 48 26.01 25.85 7.14
C ASN A 48 26.24 24.51 7.82
N GLY A 49 27.51 24.13 7.92
CA GLY A 49 27.90 22.89 8.58
C GLY A 49 29.24 23.00 9.25
N ASP A 50 30.05 21.94 9.14
CA ASP A 50 31.39 21.91 9.71
C ASP A 50 32.34 21.24 8.72
N ASN A 51 33.64 21.40 8.97
CA ASN A 51 34.65 20.95 8.02
C ASN A 51 34.43 19.49 7.62
N GLU A 52 34.02 18.65 8.58
CA GLU A 52 33.81 17.24 8.27
C GLU A 52 32.74 17.07 7.20
N ILE A 53 31.69 17.90 7.25
CA ILE A 53 30.62 17.80 6.27
C ILE A 53 31.16 18.09 4.87
N TYR A 54 31.94 19.16 4.73
CA TYR A 54 32.50 19.48 3.41
C TYR A 54 33.44 18.38 2.94
N ASP A 55 34.26 17.85 3.85
CA ASP A 55 35.15 16.75 3.47
C ASP A 55 34.34 15.55 2.98
N LEU A 56 33.19 15.30 3.61
CA LEU A 56 32.38 14.15 3.23
C LEU A 56 31.69 14.39 1.88
N THR A 57 31.26 15.62 1.62
CA THR A 57 30.72 15.92 0.30
C THR A 57 31.79 15.73 -0.77
N LYS A 58 33.02 16.18 -0.50
CA LYS A 58 34.11 15.96 -1.44
C LYS A 58 34.35 14.47 -1.64
N LEU A 59 34.31 13.69 -0.55
CA LEU A 59 34.54 12.25 -0.67
C LEU A 59 33.48 11.60 -1.54
N LEU A 60 32.22 11.99 -1.36
CA LEU A 60 31.14 11.35 -2.11
C LEU A 60 31.12 11.79 -3.56
N PHE A 61 30.96 13.10 -3.80
CA PHE A 61 30.64 13.59 -5.12
C PHE A 61 31.85 13.74 -6.04
N TYR A 62 33.07 13.64 -5.51
CA TYR A 62 34.27 13.75 -6.32
C TYR A 62 35.07 12.45 -6.34
N GLU A 63 35.47 11.94 -5.18
CA GLU A 63 36.36 10.79 -5.16
C GLU A 63 35.69 9.56 -5.75
N ILE A 64 34.39 9.37 -5.48
CA ILE A 64 33.72 8.16 -5.92
C ILE A 64 33.26 8.28 -7.36
N TYR A 65 32.62 9.40 -7.71
CA TYR A 65 31.97 9.55 -9.00
C TYR A 65 32.87 10.11 -10.10
N VAL A 66 34.04 10.66 -9.75
CA VAL A 66 34.90 11.30 -10.73
C VAL A 66 36.24 10.59 -10.79
N LYS A 67 36.97 10.57 -9.67
CA LYS A 67 38.31 10.02 -9.65
C LYS A 67 38.32 8.55 -10.06
N ASP A 68 38.92 8.26 -11.22
CA ASP A 68 39.05 6.89 -11.67
C ASP A 68 40.10 6.13 -10.86
N ASP A 69 41.00 6.84 -10.18
CA ASP A 69 42.00 6.16 -9.36
C ASP A 69 41.32 5.42 -8.21
N THR A 70 40.35 6.04 -7.56
CA THR A 70 39.60 5.38 -6.49
C THR A 70 38.79 4.25 -7.09
N LYS A 71 39.21 3.01 -6.84
CA LYS A 71 38.58 1.83 -7.43
C LYS A 71 37.36 1.46 -6.59
N TYR A 72 36.24 2.10 -6.90
CA TYR A 72 35.01 1.84 -6.18
C TYR A 72 34.42 0.50 -6.62
N PRO A 73 33.79 -0.25 -5.69
CA PRO A 73 33.25 -1.57 -6.08
C PRO A 73 32.27 -1.54 -7.24
N TRP A 74 31.16 -0.81 -7.10
CA TRP A 74 30.15 -0.76 -8.15
C TRP A 74 29.65 -2.17 -8.45
N PRO A 75 28.82 -2.75 -7.57
CA PRO A 75 28.54 -4.19 -7.65
C PRO A 75 28.08 -4.68 -9.02
N TYR A 76 28.17 -6.00 -9.20
CA TYR A 76 27.71 -6.69 -10.41
C TYR A 76 28.65 -6.47 -11.59
N THR A 77 29.67 -5.63 -11.43
CA THR A 77 30.62 -5.37 -12.50
C THR A 77 32.00 -5.16 -11.90
N LYS A 78 33.02 -5.69 -12.58
CA LYS A 78 34.40 -5.51 -12.16
C LYS A 78 34.94 -4.13 -12.51
N THR A 79 34.24 -3.38 -13.35
CA THR A 79 34.71 -2.05 -13.73
C THR A 79 34.80 -1.15 -12.50
N ARG A 80 35.80 -0.28 -12.49
CA ARG A 80 36.03 0.62 -11.37
C ARG A 80 36.23 2.03 -11.90
N GLY A 81 35.89 3.02 -11.08
CA GLY A 81 36.03 4.41 -11.42
C GLY A 81 34.76 5.18 -11.12
N GLY A 82 34.58 6.28 -11.83
CA GLY A 82 33.43 7.14 -11.65
C GLY A 82 32.25 6.73 -12.52
N ILE A 83 31.24 7.59 -12.52
CA ILE A 83 30.04 7.33 -13.32
C ILE A 83 30.37 7.26 -14.80
N SER A 84 31.27 8.14 -15.25
CA SER A 84 31.63 8.17 -16.66
C SER A 84 32.27 6.85 -17.12
N ARG A 85 32.77 6.05 -16.19
CA ARG A 85 33.40 4.77 -16.53
C ARG A 85 32.44 3.58 -16.39
N VAL A 86 31.55 3.61 -15.39
CA VAL A 86 30.72 2.45 -15.12
C VAL A 86 29.42 2.49 -15.90
N PHE A 87 28.77 3.65 -15.98
CA PHE A 87 27.47 3.77 -16.64
C PHE A 87 27.57 4.23 -18.08
N GLY A 88 28.45 5.18 -18.38
CA GLY A 88 28.58 5.71 -19.72
C GLY A 88 27.90 7.04 -19.87
N ILE A 89 28.08 7.91 -18.88
CA ILE A 89 27.48 9.24 -18.87
C ILE A 89 28.59 10.26 -18.74
N ARG A 90 28.31 11.48 -19.23
CA ARG A 90 29.28 12.57 -19.16
C ARG A 90 29.11 13.26 -17.81
N TYR A 91 29.64 12.62 -16.78
CA TYR A 91 29.60 13.20 -15.45
C TYR A 91 30.68 14.28 -15.32
N ASN A 92 30.28 15.45 -14.84
CA ASN A 92 31.19 16.58 -14.71
C ASN A 92 31.01 17.23 -13.34
N PHE A 93 32.12 17.43 -12.63
CA PHE A 93 32.10 18.11 -11.35
C PHE A 93 33.52 18.37 -10.91
N ASP A 94 33.75 19.52 -10.27
CA ASP A 94 35.05 19.87 -9.72
C ASP A 94 34.91 20.28 -8.25
N PRO A 95 35.85 19.85 -7.39
CA PRO A 95 35.74 20.22 -5.97
C PRO A 95 36.19 21.64 -5.65
N SER A 96 35.76 22.61 -6.45
CA SER A 96 36.01 24.01 -6.15
C SER A 96 34.79 24.90 -6.37
N THR A 97 33.72 24.39 -6.98
CA THR A 97 32.51 25.15 -7.20
C THR A 97 31.46 24.93 -6.12
N ILE A 98 31.75 24.11 -5.10
CA ILE A 98 30.79 23.89 -4.04
C ILE A 98 30.59 25.19 -3.27
N SER A 99 29.32 25.56 -3.08
CA SER A 99 28.97 26.86 -2.54
C SER A 99 28.69 26.76 -1.04
N ARG A 100 29.27 27.69 -0.28
CA ARG A 100 29.12 27.70 1.18
C ARG A 100 27.95 28.62 1.56
N ILE A 101 26.74 28.10 1.32
CA ILE A 101 25.54 28.84 1.69
C ILE A 101 25.40 28.86 3.20
N ASN A 102 25.02 30.00 3.74
CA ASN A 102 24.72 30.15 5.15
C ASN A 102 23.43 30.94 5.29
N ILE A 103 22.68 30.63 6.35
CA ILE A 103 21.42 31.30 6.63
C ILE A 103 21.38 31.67 8.11
N ASN A 104 20.61 32.71 8.42
CA ASN A 104 20.45 33.15 9.80
C ASN A 104 19.01 33.56 10.11
N SER A 105 18.08 33.40 9.17
CA SER A 105 16.69 33.80 9.40
C SER A 105 15.79 32.95 8.51
N GLU A 106 14.51 32.94 8.86
CA GLU A 106 13.52 32.19 8.09
C GLU A 106 13.42 32.75 6.67
N ASN A 107 13.23 31.86 5.71
CA ASN A 107 13.09 32.13 4.28
C ASN A 107 14.42 32.47 3.62
N ASP A 108 15.52 32.55 4.38
CA ASP A 108 16.81 32.82 3.77
C ASP A 108 17.27 31.65 2.91
N PHE A 109 16.86 30.43 3.25
CA PHE A 109 17.33 29.26 2.53
C PHE A 109 16.93 29.32 1.07
N ILE A 110 15.64 29.53 0.80
CA ILE A 110 15.16 29.48 -0.58
C ILE A 110 15.80 30.57 -1.42
N SER A 111 15.85 31.80 -0.88
CA SER A 111 16.43 32.91 -1.60
C SER A 111 17.92 32.67 -1.88
N SER A 112 18.65 32.22 -0.86
CA SER A 112 20.08 31.97 -1.04
C SER A 112 20.32 30.89 -2.08
N ILE A 113 19.54 29.82 -2.05
CA ILE A 113 19.73 28.74 -3.01
C ILE A 113 19.38 29.24 -4.42
N SER A 114 18.33 30.05 -4.54
CA SER A 114 17.97 30.59 -5.85
C SER A 114 19.10 31.46 -6.40
N ASN A 115 19.68 32.32 -5.56
CA ASN A 115 20.81 33.14 -6.01
C ASN A 115 22.01 32.29 -6.41
N GLN A 116 22.35 31.30 -5.60
CA GLN A 116 23.46 30.40 -5.90
C GLN A 116 23.13 29.39 -6.98
N LEU A 117 21.87 29.27 -7.40
CA LEU A 117 21.49 28.33 -8.44
C LEU A 117 21.76 28.91 -9.82
N ASP A 118 22.34 28.09 -10.70
CA ASP A 118 22.70 28.51 -12.04
C ASP A 118 22.06 27.60 -13.07
N MET A 119 21.62 28.19 -14.18
CA MET A 119 20.89 27.47 -15.22
C MET A 119 21.81 26.95 -16.32
N ASN A 120 22.56 27.84 -16.97
CA ASN A 120 23.28 27.47 -18.18
C ASN A 120 24.37 26.44 -17.90
N ARG A 121 25.08 26.56 -16.78
CA ARG A 121 26.19 25.67 -16.49
C ARG A 121 25.78 24.35 -15.87
N PHE A 122 24.67 24.32 -15.15
CA PHE A 122 24.28 23.17 -14.34
C PHE A 122 22.81 22.83 -14.54
N ASN A 123 22.53 21.53 -14.62
CA ASN A 123 21.16 21.03 -14.70
C ASN A 123 20.75 20.18 -13.51
N VAL A 124 21.69 19.82 -12.63
CA VAL A 124 21.37 19.14 -11.37
C VAL A 124 22.03 19.92 -10.25
N ALA A 125 21.27 20.24 -9.21
CA ALA A 125 21.74 21.07 -8.10
C ALA A 125 21.52 20.32 -6.79
N VAL A 126 22.51 19.50 -6.42
CA VAL A 126 22.46 18.84 -5.12
C VAL A 126 22.41 19.89 -4.03
N ILE A 127 21.65 19.62 -2.97
CA ILE A 127 21.54 20.49 -1.81
C ILE A 127 21.87 19.66 -0.58
N ILE A 128 22.72 20.19 0.28
CA ILE A 128 23.20 19.49 1.47
C ILE A 128 22.87 20.33 2.68
N ALA A 129 22.06 19.79 3.57
CA ALA A 129 21.64 20.52 4.76
C ALA A 129 21.15 19.53 5.81
N ASN A 130 21.08 20.00 7.05
CA ASN A 130 20.62 19.17 8.14
C ASN A 130 19.12 18.90 8.01
N ARG A 131 18.67 17.81 8.61
CA ARG A 131 17.28 17.41 8.49
C ARG A 131 16.33 18.53 8.88
N LYS A 132 16.70 19.32 9.90
CA LYS A 132 15.83 20.39 10.36
C LYS A 132 15.45 21.32 9.22
N LEU A 133 16.40 21.59 8.32
CA LEU A 133 16.17 22.52 7.23
C LEU A 133 15.57 21.85 6.00
N THR A 134 16.06 20.67 5.64
CA THR A 134 15.52 19.96 4.49
C THR A 134 14.06 19.60 4.70
N LYS A 135 13.72 19.09 5.89
CA LYS A 135 12.36 18.63 6.13
C LYS A 135 11.34 19.73 5.89
N GLU A 136 11.72 20.99 6.05
CA GLU A 136 10.79 22.11 5.98
C GLU A 136 11.03 23.02 4.77
N PHE A 137 12.11 22.83 4.01
CA PHE A 137 12.32 23.57 2.77
C PHE A 137 12.33 22.71 1.52
N HIS A 138 12.27 21.39 1.63
CA HIS A 138 12.41 20.54 0.45
C HIS A 138 11.21 20.66 -0.47
N ASP A 139 10.00 20.57 0.09
CA ASP A 139 8.80 20.70 -0.74
C ASP A 139 8.71 22.09 -1.36
N LYS A 140 9.04 23.12 -0.59
CA LYS A 140 9.01 24.47 -1.12
C LYS A 140 9.99 24.64 -2.27
N THR A 141 11.20 24.10 -2.13
CA THR A 141 12.17 24.20 -3.21
C THR A 141 11.69 23.45 -4.44
N LYS A 142 11.16 22.24 -4.24
CA LYS A 142 10.67 21.45 -5.37
C LYS A 142 9.56 22.21 -6.11
N ALA A 143 8.65 22.82 -5.37
CA ALA A 143 7.60 23.61 -6.00
C ALA A 143 8.18 24.81 -6.73
N ALA A 144 9.16 25.48 -6.12
CA ALA A 144 9.74 26.67 -6.73
C ALA A 144 10.41 26.36 -8.06
N LEU A 145 11.13 25.25 -8.14
CA LEU A 145 11.84 24.87 -9.35
C LEU A 145 11.00 24.00 -10.28
N ILE A 146 9.72 23.78 -9.96
CA ILE A 146 8.87 22.98 -10.83
C ILE A 146 8.85 23.57 -12.22
N GLY A 147 8.94 22.70 -13.22
CA GLY A 147 8.91 23.14 -14.60
C GLY A 147 10.26 23.57 -15.13
N SER A 148 11.01 24.30 -14.30
CA SER A 148 12.31 24.82 -14.71
C SER A 148 13.28 23.66 -14.95
N ARG A 149 14.47 23.99 -15.44
CA ARG A 149 15.49 23.00 -15.74
C ARG A 149 16.36 22.67 -14.54
N ILE A 150 16.21 23.38 -13.43
CA ILE A 150 17.04 23.16 -12.24
C ILE A 150 16.35 22.10 -11.40
N ARG A 151 16.82 20.86 -11.51
CA ARG A 151 16.31 19.75 -10.71
C ARG A 151 17.25 19.50 -9.54
N THR A 152 16.75 19.69 -8.33
CA THR A 152 17.56 19.53 -7.13
C THR A 152 17.52 18.10 -6.62
N GLN A 153 18.57 17.72 -5.89
CA GLN A 153 18.70 16.38 -5.31
C GLN A 153 19.23 16.57 -3.89
N PHE A 154 18.31 16.61 -2.92
CA PHE A 154 18.69 16.91 -1.55
C PHE A 154 19.48 15.76 -0.93
N VAL A 155 20.21 16.09 0.12
CA VAL A 155 20.99 15.12 0.88
C VAL A 155 21.16 15.67 2.29
N THR A 156 21.04 14.80 3.28
CA THR A 156 21.11 15.18 4.68
C THR A 156 22.50 14.90 5.25
N PHE A 157 22.81 15.56 6.36
CA PHE A 157 24.10 15.35 7.01
C PHE A 157 24.23 13.90 7.49
N THR A 158 23.14 13.31 7.95
CA THR A 158 23.20 11.93 8.42
C THR A 158 23.58 10.99 7.28
N THR A 159 23.05 11.22 6.09
CA THR A 159 23.39 10.35 4.96
C THR A 159 24.87 10.45 4.62
N LEU A 160 25.43 11.66 4.68
CA LEU A 160 26.86 11.81 4.42
C LEU A 160 27.69 11.12 5.49
N LYS A 161 27.33 11.33 6.75
CA LYS A 161 28.07 10.67 7.84
C LYS A 161 27.96 9.16 7.74
N ARG A 162 26.88 8.65 7.15
CA ARG A 162 26.74 7.22 6.95
C ARG A 162 27.83 6.66 6.05
N LEU A 163 28.45 7.49 5.22
CA LEU A 163 29.47 7.04 4.27
C LEU A 163 30.72 6.51 4.97
N LYS A 164 30.90 6.78 6.26
CA LYS A 164 32.08 6.32 6.98
C LYS A 164 31.96 4.90 7.50
N ASN A 165 30.79 4.27 7.35
CA ASN A 165 30.58 2.94 7.89
C ASN A 165 31.28 1.88 7.05
N ARG A 166 31.46 2.15 5.75
CA ARG A 166 32.08 1.25 4.77
C ARG A 166 31.07 0.16 4.39
N LYS A 167 29.96 0.06 5.11
CA LYS A 167 28.84 -0.75 4.67
C LYS A 167 27.86 0.10 3.86
N TYR A 168 27.56 1.29 4.38
CA TYR A 168 26.74 2.23 3.64
C TYR A 168 27.50 2.83 2.47
N LYS A 169 28.81 2.98 2.60
CA LYS A 169 29.61 3.46 1.47
C LYS A 169 29.48 2.55 0.26
N ALA A 170 29.07 1.29 0.46
CA ALA A 170 28.91 0.34 -0.62
C ALA A 170 27.46 0.20 -1.08
N THR A 171 26.52 0.94 -0.50
CA THR A 171 25.11 0.82 -0.87
C THR A 171 24.40 2.14 -1.09
N ILE A 172 24.87 3.24 -0.52
CA ILE A 172 24.22 4.54 -0.66
C ILE A 172 24.62 5.17 -1.99
N PRO A 173 25.89 5.11 -2.40
CA PRO A 173 26.28 5.76 -3.66
C PRO A 173 25.44 5.35 -4.85
N LEU A 174 25.41 4.06 -5.19
CA LEU A 174 24.75 3.62 -6.42
C LEU A 174 23.31 4.09 -6.51
N PRO A 175 22.43 3.85 -5.52
CA PRO A 175 21.06 4.35 -5.65
C PRO A 175 20.99 5.86 -5.84
N LEU A 176 21.88 6.60 -5.20
CA LEU A 176 21.94 8.04 -5.45
C LEU A 176 22.36 8.32 -6.89
N ALA A 177 23.37 7.59 -7.38
CA ALA A 177 23.89 7.87 -8.71
C ALA A 177 22.82 7.73 -9.76
N VAL A 178 22.02 6.66 -9.68
CA VAL A 178 20.92 6.49 -10.62
C VAL A 178 20.03 7.73 -10.61
N GLN A 179 19.66 8.19 -9.42
CA GLN A 179 18.84 9.39 -9.33
C GLN A 179 19.48 10.52 -10.11
N LEU A 180 20.79 10.72 -9.95
CA LEU A 180 21.47 11.76 -10.70
C LEU A 180 21.23 11.59 -12.20
N ILE A 181 21.52 10.39 -12.72
CA ILE A 181 21.39 10.17 -14.16
C ILE A 181 19.94 10.10 -14.59
N ALA A 182 19.00 10.25 -13.66
CA ALA A 182 17.59 10.40 -13.98
C ALA A 182 17.11 11.84 -13.86
N LYS A 183 17.78 12.66 -13.05
CA LYS A 183 17.39 14.04 -12.86
C LYS A 183 18.12 14.99 -13.79
N ALA A 184 19.08 14.49 -14.56
CA ALA A 184 19.72 15.27 -15.62
C ALA A 184 19.01 15.13 -16.95
N GLY A 185 17.97 14.31 -17.03
CA GLY A 185 17.27 14.03 -18.27
C GLY A 185 17.37 12.60 -18.71
N GLY A 186 18.20 11.77 -18.07
CA GLY A 186 18.34 10.40 -18.46
C GLY A 186 17.20 9.52 -17.98
N THR A 187 17.20 8.29 -18.46
CA THR A 187 16.18 7.30 -18.14
C THR A 187 16.90 6.02 -17.75
N PRO A 188 17.25 5.86 -16.47
CA PRO A 188 18.02 4.67 -16.05
C PRO A 188 17.55 3.38 -16.69
N TRP A 189 16.24 3.20 -16.82
CA TRP A 189 15.69 2.02 -17.48
C TRP A 189 14.21 2.28 -17.75
N ILE A 190 13.60 1.34 -18.47
CA ILE A 190 12.16 1.31 -18.67
C ILE A 190 11.67 -0.10 -18.38
N VAL A 191 10.37 -0.29 -18.49
CA VAL A 191 9.72 -1.55 -18.11
C VAL A 191 9.25 -2.25 -19.37
N ASP A 192 9.65 -3.51 -19.53
CA ASP A 192 9.20 -4.31 -20.66
C ASP A 192 7.69 -4.44 -20.62
N SER A 193 7.04 -4.02 -21.70
CA SER A 193 5.59 -4.00 -21.78
C SER A 193 5.00 -5.23 -22.43
N SER A 194 5.82 -6.22 -22.80
CA SER A 194 5.27 -7.46 -23.35
C SER A 194 4.35 -8.14 -22.36
N ILE A 195 4.60 -7.97 -21.06
CA ILE A 195 3.74 -8.56 -20.04
C ILE A 195 2.32 -8.05 -20.18
N TYR A 196 2.15 -6.84 -20.72
CA TYR A 196 0.81 -6.30 -20.92
C TYR A 196 -0.04 -7.25 -21.75
N ASN A 197 0.58 -8.03 -22.63
CA ASN A 197 -0.18 -8.99 -23.42
C ASN A 197 -0.91 -9.97 -22.53
N ASP A 198 -0.23 -10.49 -21.49
CA ASP A 198 -0.89 -11.42 -20.59
C ASP A 198 -2.12 -10.79 -19.95
N LEU A 199 -2.21 -9.46 -19.93
CA LEU A 199 -3.42 -8.79 -19.51
C LEU A 199 -4.63 -9.34 -20.25
N SER A 200 -4.64 -9.21 -21.59
CA SER A 200 -5.83 -9.56 -22.35
C SER A 200 -5.53 -10.41 -23.57
N LYS A 201 -4.34 -10.25 -24.15
CA LYS A 201 -3.95 -10.95 -25.37
C LYS A 201 -4.85 -10.56 -26.54
N ASN A 202 -5.48 -9.39 -26.44
CA ASN A 202 -6.27 -8.84 -27.54
C ASN A 202 -5.91 -7.37 -27.76
N VAL A 203 -4.68 -6.99 -27.41
CA VAL A 203 -4.21 -5.63 -27.60
C VAL A 203 -2.69 -5.67 -27.53
N SER A 204 -2.05 -4.77 -28.28
CA SER A 204 -0.60 -4.74 -28.30
C SER A 204 -0.06 -4.34 -26.92
N SER A 205 1.27 -4.37 -26.82
CA SER A 205 1.94 -4.08 -25.55
C SER A 205 1.74 -2.64 -25.09
N ASN A 206 1.26 -1.76 -25.95
CA ASN A 206 1.04 -0.37 -25.57
C ASN A 206 -0.18 -0.28 -24.64
N GLY A 207 -0.52 0.96 -24.29
CA GLY A 207 -1.66 1.18 -23.43
C GLY A 207 -1.54 2.53 -22.73
N MET A 208 -2.30 2.67 -21.65
CA MET A 208 -2.34 3.89 -20.87
C MET A 208 -2.42 3.53 -19.40
N LEU A 209 -1.83 4.37 -18.56
CA LEU A 209 -1.84 4.18 -17.12
C LEU A 209 -2.09 5.52 -16.44
N MET A 210 -2.69 5.46 -15.26
CA MET A 210 -3.02 6.68 -14.52
C MET A 210 -3.33 6.35 -13.06
N GLY A 211 -2.58 6.92 -12.12
CA GLY A 211 -2.79 6.62 -10.73
C GLY A 211 -3.14 7.82 -9.88
N ILE A 212 -4.37 7.89 -9.39
CA ILE A 212 -4.85 9.02 -8.62
C ILE A 212 -4.47 8.80 -7.16
N ALA A 213 -3.74 9.77 -6.59
CA ALA A 213 -3.28 9.67 -5.21
C ALA A 213 -3.62 10.97 -4.48
N PHE A 214 -3.75 10.87 -3.16
CA PHE A 214 -4.20 11.97 -2.33
C PHE A 214 -3.10 12.36 -1.34
N ALA A 215 -2.81 13.65 -1.26
CA ALA A 215 -1.94 14.20 -0.23
C ALA A 215 -2.82 14.87 0.82
N ARG A 216 -2.66 14.45 2.07
CA ARG A 216 -3.60 14.89 3.11
C ARG A 216 -3.38 16.35 3.49
N THR A 217 -2.13 16.74 3.70
CA THR A 217 -1.88 17.90 4.55
C THR A 217 -2.51 19.19 4.03
N ARG A 218 -1.93 19.77 2.98
CA ARG A 218 -2.42 21.03 2.42
C ARG A 218 -3.05 21.94 3.47
N LYS A 219 -2.36 22.13 4.59
CA LYS A 219 -2.89 22.94 5.70
C LYS A 219 -4.27 22.42 6.13
N ASP A 220 -4.32 21.14 6.47
CA ASP A 220 -5.56 20.47 6.88
C ASP A 220 -6.61 20.55 5.77
N LYS A 221 -6.31 19.90 4.64
CA LYS A 221 -7.20 19.89 3.49
C LYS A 221 -6.75 18.82 2.50
N ILE A 222 -7.68 18.02 2.02
CA ILE A 222 -7.35 16.90 1.14
C ILE A 222 -7.13 17.43 -0.27
N THR A 223 -6.09 16.92 -0.93
CA THR A 223 -5.77 17.26 -2.31
C THR A 223 -5.33 15.98 -3.02
N TYR A 224 -4.99 16.09 -4.29
CA TYR A 224 -4.62 14.91 -5.07
C TYR A 224 -3.91 15.35 -6.35
N SER A 225 -3.32 14.36 -7.02
CA SER A 225 -2.76 14.53 -8.36
C SER A 225 -3.19 13.34 -9.21
N VAL A 226 -2.61 13.21 -10.41
CA VAL A 226 -3.11 12.23 -11.36
C VAL A 226 -2.03 11.23 -11.77
N GLY A 227 -0.95 11.74 -12.36
CA GLY A 227 0.10 10.85 -12.82
C GLY A 227 -0.28 10.13 -14.10
N TYR A 228 0.67 9.97 -15.01
CA TYR A 228 0.43 9.28 -16.28
C TYR A 228 1.63 8.40 -16.59
N PHE A 229 1.39 7.35 -17.37
CA PHE A 229 2.43 6.42 -17.73
C PHE A 229 2.05 5.73 -19.03
N THR A 230 3.06 5.47 -19.87
CA THR A 230 2.85 4.77 -21.13
C THR A 230 4.16 4.16 -21.57
N THR A 231 4.09 3.01 -22.24
CA THR A 231 5.27 2.31 -22.70
C THR A 231 5.00 1.67 -24.05
N LEU A 232 6.02 1.70 -24.92
CA LEU A 232 5.96 1.03 -26.21
C LEU A 232 7.24 0.28 -26.52
N ASN A 233 8.08 0.04 -25.51
CA ASN A 233 9.44 -0.49 -25.63
C ASN A 233 10.41 0.55 -26.14
N ASN A 234 9.94 1.72 -26.57
CA ASN A 234 10.81 2.81 -27.00
C ASN A 234 10.45 4.16 -26.38
N TYR A 235 9.21 4.38 -25.97
CA TYR A 235 8.79 5.63 -25.36
C TYR A 235 8.36 5.37 -23.93
N TYR A 236 8.55 6.37 -23.07
CA TYR A 236 8.08 6.31 -21.69
C TYR A 236 7.04 7.38 -21.39
N GLN A 237 7.36 8.65 -21.65
CA GLN A 237 6.43 9.75 -21.46
C GLN A 237 5.71 9.63 -20.11
N ARG A 238 6.50 9.73 -19.04
CA ARG A 238 5.97 9.68 -17.69
C ARG A 238 5.79 11.11 -17.19
N PHE A 239 4.57 11.62 -17.35
CA PHE A 239 4.21 12.97 -16.95
C PHE A 239 3.18 12.89 -15.83
N ASP A 240 3.35 13.73 -14.81
CA ASP A 240 2.58 13.59 -13.58
C ASP A 240 2.31 14.98 -13.02
N VAL A 241 1.06 15.44 -13.15
CA VAL A 241 0.68 16.74 -12.59
C VAL A 241 -0.84 16.90 -12.57
N GLN A 242 -1.31 17.76 -11.66
CA GLN A 242 -2.71 18.17 -11.63
C GLN A 242 -2.79 19.67 -11.37
N THR A 254 -13.00 18.95 -2.75
CA THR A 254 -12.40 17.68 -2.35
C THR A 254 -12.52 17.47 -0.84
N GLU A 255 -13.68 17.01 -0.40
CA GLU A 255 -13.94 16.74 1.01
C GLU A 255 -13.82 15.26 1.34
N GLY A 256 -12.93 14.54 0.65
CA GLY A 256 -12.76 13.13 0.90
C GLY A 256 -11.73 12.55 -0.05
N LEU A 257 -11.43 11.27 0.18
CA LEU A 257 -10.49 10.53 -0.66
C LEU A 257 -11.20 10.01 -1.91
N TYR A 258 -11.72 10.94 -2.69
CA TYR A 258 -12.37 10.60 -3.95
C TYR A 258 -12.32 11.82 -4.86
N VAL A 259 -12.47 11.57 -6.14
CA VAL A 259 -12.45 12.62 -7.16
C VAL A 259 -13.90 12.99 -7.47
N PRO A 260 -14.30 14.26 -7.27
CA PRO A 260 -15.66 14.65 -7.67
C PRO A 260 -15.95 14.29 -9.12
N LYS A 261 -17.23 14.26 -9.51
CA LYS A 261 -17.56 13.86 -10.87
C LYS A 261 -16.94 14.81 -11.89
N GLU A 262 -17.09 16.12 -11.66
CA GLU A 262 -16.55 17.09 -12.62
C GLU A 262 -15.05 16.96 -12.74
N ALA A 263 -14.35 16.89 -11.61
CA ALA A 263 -12.90 16.78 -11.64
C ALA A 263 -12.46 15.47 -12.31
N MET A 264 -13.20 14.39 -12.06
CA MET A 264 -12.83 13.10 -12.65
C MET A 264 -13.05 13.11 -14.16
N VAL A 265 -14.14 13.71 -14.61
CA VAL A 265 -14.36 13.83 -16.06
C VAL A 265 -13.23 14.65 -16.68
N LYS A 266 -12.89 15.77 -16.05
CA LYS A 266 -11.80 16.60 -16.59
C LYS A 266 -10.49 15.84 -16.61
N THR A 267 -10.21 15.08 -15.55
CA THR A 267 -8.97 14.31 -15.48
C THR A 267 -8.92 13.23 -16.57
N LEU A 268 -10.02 12.50 -16.76
CA LEU A 268 -10.02 11.47 -17.80
C LEU A 268 -9.84 12.08 -19.17
N GLU A 269 -10.54 13.19 -19.44
CA GLU A 269 -10.38 13.86 -20.73
C GLU A 269 -8.96 14.37 -20.91
N SER A 270 -8.36 14.91 -19.85
CA SER A 270 -6.99 15.42 -19.95
C SER A 270 -6.00 14.30 -20.20
N GLY A 271 -6.18 13.16 -19.54
CA GLY A 271 -5.31 12.02 -19.80
C GLY A 271 -5.46 11.51 -21.22
N ILE A 272 -6.69 11.44 -21.72
CA ILE A 272 -6.92 11.05 -23.10
C ILE A 272 -6.20 12.01 -24.04
N GLY A 273 -6.36 13.31 -23.82
CA GLY A 273 -5.73 14.29 -24.68
C GLY A 273 -4.21 14.24 -24.59
N TRP A 274 -3.68 13.96 -23.41
CA TRP A 274 -2.24 13.83 -23.25
C TRP A 274 -1.70 12.66 -24.06
N TYR A 275 -2.31 11.48 -23.90
CA TYR A 275 -1.90 10.33 -24.71
C TYR A 275 -2.04 10.64 -26.18
N LYS A 276 -3.08 11.38 -26.56
CA LYS A 276 -3.28 11.70 -27.97
C LYS A 276 -2.18 12.62 -28.47
N ASN A 277 -1.79 13.62 -27.67
CA ASN A 277 -0.67 14.46 -28.03
C ASN A 277 0.60 13.62 -28.19
N ILE A 278 0.72 12.53 -27.43
CA ILE A 278 1.87 11.65 -27.61
C ILE A 278 1.84 11.03 -29.00
N ILE A 279 0.86 10.17 -29.28
CA ILE A 279 0.81 9.47 -30.55
C ILE A 279 -0.54 9.60 -31.24
N GLY A 280 -1.59 9.92 -30.47
CA GLY A 280 -2.90 10.09 -31.06
C GLY A 280 -3.53 8.85 -31.66
N ILE A 281 -3.50 7.72 -30.95
CA ILE A 281 -4.11 6.49 -31.41
C ILE A 281 -5.37 6.15 -30.61
N THR A 282 -5.91 7.11 -29.85
CA THR A 282 -7.17 6.84 -29.16
C THR A 282 -6.97 5.67 -28.21
N PRO A 283 -6.35 5.89 -27.05
CA PRO A 283 -5.79 4.78 -26.25
C PRO A 283 -6.66 3.54 -26.31
N PRO A 284 -6.09 2.40 -26.75
CA PRO A 284 -6.90 1.17 -26.81
C PRO A 284 -7.23 0.60 -25.45
N LEU A 285 -6.55 1.05 -24.39
CA LEU A 285 -6.77 0.51 -23.06
C LEU A 285 -6.40 1.57 -22.03
N LEU A 286 -7.24 1.71 -21.00
CA LEU A 286 -7.02 2.72 -19.97
C LEU A 286 -7.00 2.02 -18.61
N ILE A 287 -5.81 1.92 -18.03
CA ILE A 287 -5.64 1.34 -16.69
C ILE A 287 -5.51 2.49 -15.71
N ILE A 288 -6.36 2.49 -14.68
CA ILE A 288 -6.42 3.58 -13.71
C ILE A 288 -6.17 2.98 -12.34
N PHE A 289 -4.95 3.14 -11.83
CA PHE A 289 -4.67 2.79 -10.46
C PHE A 289 -5.25 3.84 -9.53
N LYS A 290 -5.59 3.42 -8.31
CA LYS A 290 -6.04 4.37 -7.31
C LYS A 290 -5.80 3.78 -5.93
N THR A 291 -5.45 4.67 -4.98
CA THR A 291 -5.17 4.26 -3.61
C THR A 291 -6.39 4.40 -2.70
N SER A 292 -7.59 4.22 -3.26
CA SER A 292 -8.83 4.24 -2.49
C SER A 292 -9.94 3.67 -3.37
N PRO A 293 -11.06 3.27 -2.78
CA PRO A 293 -12.09 2.57 -3.55
C PRO A 293 -12.72 3.47 -4.60
N MET A 294 -13.27 2.84 -5.63
CA MET A 294 -13.97 3.56 -6.69
C MET A 294 -15.21 4.21 -6.12
N HIS A 295 -15.18 5.54 -6.00
CA HIS A 295 -16.34 6.27 -5.52
C HIS A 295 -17.44 6.26 -6.58
N LYS A 296 -18.66 6.60 -6.15
CA LYS A 296 -19.76 6.66 -7.10
C LYS A 296 -19.52 7.75 -8.14
N ASP A 297 -18.97 8.89 -7.71
CA ASP A 297 -18.68 9.96 -8.67
C ASP A 297 -17.72 9.49 -9.74
N GLU A 298 -16.67 8.77 -9.34
CA GLU A 298 -15.70 8.28 -10.32
C GLU A 298 -16.33 7.21 -11.22
N LYS A 299 -17.23 6.40 -10.67
CA LYS A 299 -17.91 5.41 -11.50
C LYS A 299 -18.74 6.08 -12.58
N GLU A 300 -19.51 7.11 -12.20
CA GLU A 300 -20.31 7.83 -13.17
C GLU A 300 -19.43 8.52 -14.20
N ALA A 301 -18.31 9.12 -13.76
CA ALA A 301 -17.41 9.78 -14.69
C ALA A 301 -16.82 8.79 -15.68
N ILE A 302 -16.40 7.62 -15.19
CA ILE A 302 -15.85 6.60 -16.07
C ILE A 302 -16.88 6.16 -17.09
N GLU A 303 -18.12 5.93 -16.64
CA GLU A 303 -19.17 5.55 -17.57
C GLU A 303 -19.41 6.64 -18.61
N ALA A 304 -19.38 7.90 -18.18
CA ALA A 304 -19.69 9.00 -19.09
C ALA A 304 -18.62 9.18 -20.15
N VAL A 305 -17.34 9.20 -19.73
CA VAL A 305 -16.28 9.49 -20.68
C VAL A 305 -15.89 8.25 -21.46
N LEU A 306 -15.58 7.16 -20.75
CA LEU A 306 -15.14 5.94 -21.42
C LEU A 306 -16.31 5.21 -22.06
N GLY A 307 -17.35 4.92 -21.28
CA GLY A 307 -18.49 4.21 -21.84
C GLY A 307 -18.05 2.88 -22.43
N LYS A 308 -18.51 2.60 -23.64
CA LYS A 308 -18.13 1.41 -24.36
C LYS A 308 -17.07 1.69 -25.42
N ASP A 309 -16.58 2.92 -25.53
CA ASP A 309 -15.59 3.25 -26.54
C ASP A 309 -14.22 2.70 -26.18
N ILE A 310 -13.83 2.82 -24.91
CA ILE A 310 -12.50 2.43 -24.45
C ILE A 310 -12.64 1.28 -23.47
N LYS A 311 -11.77 0.29 -23.60
CA LYS A 311 -11.64 -0.75 -22.59
C LYS A 311 -10.81 -0.20 -21.42
N TRP A 312 -11.29 -0.42 -20.21
CA TRP A 312 -10.67 0.17 -19.03
C TRP A 312 -10.56 -0.85 -17.92
N VAL A 313 -9.61 -0.60 -17.03
CA VAL A 313 -9.36 -1.44 -15.85
C VAL A 313 -9.02 -0.51 -14.70
N PHE A 314 -9.92 -0.39 -13.74
CA PHE A 314 -9.73 0.45 -12.56
C PHE A 314 -9.25 -0.43 -11.42
N ILE A 315 -8.00 -0.27 -11.01
CA ILE A 315 -7.38 -1.11 -9.99
C ILE A 315 -7.24 -0.29 -8.73
N HIS A 316 -7.98 -0.68 -7.69
CA HIS A 316 -7.77 -0.12 -6.36
C HIS A 316 -6.68 -0.92 -5.67
N ALA A 317 -5.64 -0.22 -5.22
CA ALA A 317 -4.48 -0.84 -4.58
C ALA A 317 -4.59 -0.60 -3.08
N GLN A 318 -5.13 -1.58 -2.37
CA GLN A 318 -5.30 -1.51 -0.92
C GLN A 318 -4.01 -2.01 -0.28
N TYR A 319 -3.27 -1.10 0.34
CA TYR A 319 -2.06 -1.49 1.06
C TYR A 319 -2.41 -1.97 2.46
N ASN A 320 -3.24 -1.22 3.18
CA ASN A 320 -3.66 -1.59 4.52
C ASN A 320 -4.69 -2.71 4.39
N THR A 321 -4.21 -3.94 4.46
CA THR A 321 -5.05 -5.11 4.33
C THR A 321 -4.76 -6.09 5.46
N PRO A 322 -5.73 -6.92 5.85
CA PRO A 322 -5.50 -7.89 6.91
C PRO A 322 -4.94 -9.23 6.44
N VAL A 323 -4.93 -9.49 5.13
CA VAL A 323 -4.53 -10.80 4.64
C VAL A 323 -3.05 -11.02 4.88
N ARG A 324 -2.71 -12.21 5.38
CA ARG A 324 -1.34 -12.67 5.50
C ARG A 324 -1.21 -14.01 4.81
N ILE A 325 -0.04 -14.25 4.23
CA ILE A 325 0.22 -15.48 3.47
C ILE A 325 1.50 -16.09 3.98
N PHE A 326 1.42 -17.32 4.49
CA PHE A 326 2.55 -18.15 4.86
C PHE A 326 2.50 -19.42 4.02
N GLY A 327 3.33 -20.39 4.35
CA GLY A 327 3.10 -21.74 3.86
C GLY A 327 4.39 -22.53 3.68
N ASN A 328 4.20 -23.74 3.16
CA ASN A 328 5.22 -24.71 2.79
C ASN A 328 5.83 -25.40 4.00
N LYS A 329 5.62 -24.85 5.20
CA LYS A 329 5.85 -25.52 6.48
C LYS A 329 7.25 -26.11 6.63
N GLU A 330 8.16 -25.84 5.69
CA GLU A 330 9.50 -26.42 5.70
C GLU A 330 10.58 -25.37 5.77
N ASP A 331 10.52 -24.36 4.90
CA ASP A 331 11.39 -23.18 5.00
C ASP A 331 10.79 -22.21 6.01
N ASP A 332 10.64 -22.71 7.23
CA ASP A 332 9.84 -22.05 8.27
C ASP A 332 8.47 -21.80 7.65
N TYR A 333 7.94 -20.58 7.69
CA TYR A 333 6.69 -20.24 7.04
C TYR A 333 6.83 -18.99 6.18
N LYS A 334 8.01 -18.79 5.62
CA LYS A 334 8.28 -17.66 4.76
C LYS A 334 7.70 -17.91 3.37
N VAL A 335 7.27 -16.83 2.72
CA VAL A 335 6.54 -16.91 1.46
C VAL A 335 7.37 -16.23 0.38
N ASN A 336 7.47 -16.88 -0.78
CA ASN A 336 8.17 -16.30 -1.91
C ASN A 336 7.65 -14.89 -2.19
N ARG A 337 8.49 -14.07 -2.80
CA ARG A 337 8.13 -12.68 -3.03
C ARG A 337 6.90 -12.60 -3.93
N GLY A 338 7.04 -13.04 -5.18
CA GLY A 338 5.97 -12.90 -6.14
C GLY A 338 4.92 -13.99 -6.04
N THR A 339 4.06 -13.91 -5.03
CA THR A 339 2.96 -14.85 -4.86
C THR A 339 1.65 -14.12 -5.14
N VAL A 340 0.80 -14.72 -5.98
CA VAL A 340 -0.46 -14.12 -6.38
C VAL A 340 -1.59 -15.07 -6.01
N ILE A 341 -2.55 -14.56 -5.25
CA ILE A 341 -3.78 -15.27 -4.92
C ILE A 341 -4.90 -14.59 -5.71
N ILE A 342 -5.51 -15.33 -6.63
CA ILE A 342 -6.53 -14.80 -7.52
C ILE A 342 -7.88 -15.35 -7.09
N LYS A 343 -8.88 -14.46 -7.03
CA LYS A 343 -10.27 -14.84 -6.78
C LYS A 343 -11.13 -14.13 -7.82
N LYS A 344 -11.66 -14.87 -8.78
CA LYS A 344 -12.60 -14.28 -9.71
C LYS A 344 -13.94 -14.04 -9.03
N ARG A 345 -14.76 -13.18 -9.64
CA ARG A 345 -16.07 -12.83 -9.11
C ARG A 345 -17.12 -13.19 -10.16
N LYS A 346 -17.90 -14.24 -9.89
CA LYS A 346 -18.92 -14.66 -10.83
C LYS A 346 -19.96 -13.57 -11.03
N ARG A 347 -20.31 -12.86 -9.96
CA ARG A 347 -21.32 -11.79 -10.01
C ARG A 347 -20.65 -10.52 -10.51
N TRP A 348 -20.32 -10.51 -11.80
CA TRP A 348 -19.58 -9.40 -12.41
C TRP A 348 -20.26 -8.96 -13.70
N ASN A 349 -20.84 -7.76 -13.66
CA ASN A 349 -21.18 -6.99 -14.86
C ASN A 349 -21.98 -7.80 -15.87
N PRO A 350 -23.26 -8.06 -15.61
CA PRO A 350 -24.17 -8.54 -16.65
C PRO A 350 -24.63 -7.41 -17.58
N ASN A 351 -23.68 -6.60 -18.05
CA ASN A 351 -23.97 -5.38 -18.79
C ASN A 351 -24.88 -4.45 -17.98
N ASN A 352 -24.74 -4.50 -16.65
CA ASN A 352 -25.60 -3.77 -15.73
C ASN A 352 -24.94 -2.58 -15.08
N GLY A 353 -23.69 -2.73 -14.64
CA GLY A 353 -23.00 -1.66 -13.95
C GLY A 353 -22.29 -2.11 -12.69
N ASP A 354 -22.20 -3.42 -12.48
CA ASP A 354 -21.45 -4.00 -11.37
C ASP A 354 -20.10 -4.43 -11.93
N TYR A 355 -19.09 -3.58 -11.75
CA TYR A 355 -17.85 -3.70 -12.50
C TYR A 355 -16.76 -4.49 -11.77
N LEU A 356 -16.92 -4.83 -10.50
CA LEU A 356 -15.88 -5.52 -9.77
C LEU A 356 -15.67 -6.91 -10.38
N HIS A 357 -14.49 -7.11 -10.97
CA HIS A 357 -14.19 -8.32 -11.73
C HIS A 357 -13.56 -9.41 -10.88
N SER A 358 -12.47 -9.11 -10.19
CA SER A 358 -11.77 -10.11 -9.40
C SER A 358 -10.95 -9.40 -8.33
N GLU A 359 -10.32 -10.20 -7.47
CA GLU A 359 -9.46 -9.70 -6.40
C GLU A 359 -8.17 -10.49 -6.43
N ILE A 360 -7.05 -9.77 -6.47
CA ILE A 360 -5.73 -10.38 -6.62
C ILE A 360 -4.86 -9.88 -5.47
N VAL A 361 -4.49 -10.78 -4.57
CA VAL A 361 -3.61 -10.47 -3.45
C VAL A 361 -2.19 -10.85 -3.84
N ILE A 362 -1.31 -9.86 -3.92
CA ILE A 362 0.07 -10.07 -4.36
C ILE A 362 1.00 -9.72 -3.20
N THR A 363 1.96 -10.60 -2.93
CA THR A 363 3.06 -10.28 -2.05
C THR A 363 4.18 -9.69 -2.90
N ALA A 364 4.71 -8.55 -2.47
CA ALA A 364 5.81 -7.90 -3.16
C ALA A 364 7.12 -7.94 -2.37
N THR A 365 7.07 -8.35 -1.11
CA THR A 365 8.24 -8.36 -0.24
C THR A 365 8.27 -9.71 0.48
N GLY A 366 9.31 -10.49 0.21
CA GLY A 366 9.44 -11.80 0.83
C GLY A 366 10.77 -12.44 0.51
N LYS A 367 10.78 -13.74 0.25
CA LYS A 367 11.99 -14.39 -0.22
C LYS A 367 12.27 -13.99 -1.67
N TYR A 368 13.52 -13.64 -1.95
CA TYR A 368 13.93 -13.33 -3.31
C TYR A 368 15.37 -13.82 -3.49
N ARG A 369 15.69 -14.19 -4.73
CA ARG A 369 17.02 -14.71 -5.08
C ARG A 369 17.68 -13.68 -6.00
N LYS A 370 18.48 -12.80 -5.41
CA LYS A 370 19.26 -11.86 -6.19
C LYS A 370 20.58 -12.51 -6.60
N PRO A 371 21.22 -12.01 -7.67
CA PRO A 371 22.46 -12.64 -8.13
C PRO A 371 23.52 -12.64 -7.04
N SER A 372 24.30 -13.71 -7.02
CA SER A 372 25.33 -13.87 -5.99
C SER A 372 26.44 -12.84 -6.11
N THR A 373 26.55 -12.17 -7.26
CA THR A 373 27.57 -11.17 -7.56
C THR A 373 28.96 -11.78 -7.68
N LYS A 374 29.11 -13.10 -7.53
CA LYS A 374 30.40 -13.75 -7.62
C LYS A 374 30.39 -14.77 -8.76
N THR A 379 23.16 -17.09 -7.37
CA THR A 379 22.04 -16.51 -6.64
C THR A 379 22.05 -16.96 -5.19
N GLU A 380 21.82 -16.01 -4.28
CA GLU A 380 21.75 -16.27 -2.85
C GLU A 380 20.37 -15.89 -2.34
N GLU A 381 19.72 -16.82 -1.64
CA GLU A 381 18.40 -16.54 -1.09
C GLU A 381 18.48 -15.45 -0.03
N ARG A 382 17.48 -14.58 0.00
CA ARG A 382 17.43 -13.46 0.92
C ARG A 382 16.00 -13.28 1.41
N TYR A 383 15.87 -12.70 2.60
CA TYR A 383 14.56 -12.46 3.20
C TYR A 383 14.56 -11.09 3.87
N ILE A 384 13.38 -10.68 4.32
CA ILE A 384 13.20 -9.41 5.01
C ILE A 384 13.00 -9.69 6.49
N SER A 385 12.99 -8.62 7.28
CA SER A 385 12.73 -8.69 8.71
C SER A 385 11.26 -8.40 8.96
N GLY A 386 10.57 -9.34 9.59
CA GLY A 386 9.14 -9.21 9.82
C GLY A 386 8.33 -10.18 9.00
N THR A 387 7.09 -9.82 8.69
CA THR A 387 6.23 -10.65 7.86
C THR A 387 5.71 -9.83 6.68
N PRO A 388 5.64 -10.41 5.48
CA PRO A 388 5.18 -9.63 4.32
C PRO A 388 3.79 -9.04 4.53
N ARG A 389 3.60 -7.83 4.00
CA ARG A 389 2.31 -7.16 3.97
C ARG A 389 1.84 -7.11 2.52
N PRO A 390 1.12 -8.13 2.04
CA PRO A 390 0.68 -8.11 0.64
C PRO A 390 -0.25 -6.95 0.36
N ILE A 391 -0.38 -6.64 -0.93
CA ILE A 391 -1.30 -5.63 -1.42
C ILE A 391 -2.52 -6.34 -1.98
N THR A 392 -3.67 -5.69 -1.88
CA THR A 392 -4.90 -6.19 -2.46
C THR A 392 -5.22 -5.38 -3.71
N LEU A 393 -5.44 -6.07 -4.82
CA LEU A 393 -5.75 -5.43 -6.09
C LEU A 393 -7.23 -5.67 -6.36
N ASN A 394 -8.07 -4.74 -5.93
CA ASN A 394 -9.50 -4.79 -6.22
C ASN A 394 -9.68 -4.29 -7.64
N VAL A 395 -9.93 -5.20 -8.57
CA VAL A 395 -9.98 -4.90 -9.99
C VAL A 395 -11.42 -4.70 -10.41
N TYR A 396 -11.70 -3.58 -11.08
CA TYR A 396 -12.95 -3.36 -11.79
C TYR A 396 -12.64 -3.30 -13.27
N SER A 397 -13.45 -3.96 -14.09
CA SER A 397 -13.17 -3.98 -15.52
C SER A 397 -14.48 -4.04 -16.29
N SER A 398 -14.41 -3.58 -17.54
CA SER A 398 -15.50 -3.69 -18.50
C SER A 398 -15.29 -4.85 -19.47
N PHE A 399 -14.29 -5.68 -19.23
CA PHE A 399 -13.99 -6.82 -20.09
C PHE A 399 -13.35 -7.91 -19.24
N ASP A 400 -13.31 -9.12 -19.78
CA ASP A 400 -12.79 -10.28 -19.07
C ASP A 400 -11.27 -10.19 -19.04
N VAL A 401 -10.77 -9.38 -18.10
CA VAL A 401 -9.34 -9.19 -17.95
C VAL A 401 -8.72 -10.43 -17.29
N ASN A 402 -7.43 -10.61 -17.51
CA ASN A 402 -6.71 -11.75 -16.96
C ASN A 402 -6.07 -11.35 -15.64
N PRO A 403 -6.46 -11.93 -14.51
CA PRO A 403 -5.83 -11.52 -13.24
C PRO A 403 -4.33 -11.70 -13.21
N ILE A 404 -3.80 -12.73 -13.88
CA ILE A 404 -2.36 -12.93 -13.92
C ILE A 404 -1.68 -11.75 -14.61
N GLY A 405 -2.26 -11.29 -15.73
CA GLY A 405 -1.71 -10.15 -16.41
C GLY A 405 -1.76 -8.88 -15.57
N VAL A 406 -2.85 -8.70 -14.82
CA VAL A 406 -2.96 -7.54 -13.95
C VAL A 406 -1.88 -7.58 -12.87
N ALA A 407 -1.66 -8.77 -12.29
CA ALA A 407 -0.63 -8.89 -11.27
C ALA A 407 0.75 -8.61 -11.84
N GLU A 408 1.04 -9.15 -13.04
CA GLU A 408 2.33 -8.90 -13.66
C GLU A 408 2.51 -7.42 -13.97
N LEU A 409 1.47 -6.77 -14.49
CA LEU A 409 1.55 -5.35 -14.79
C LEU A 409 1.81 -4.55 -13.52
N THR A 410 1.12 -4.88 -12.43
CA THR A 410 1.35 -4.17 -11.18
C THR A 410 2.76 -4.39 -10.65
N LEU A 411 3.26 -5.62 -10.73
CA LEU A 411 4.64 -5.88 -10.31
C LEU A 411 5.61 -5.01 -11.10
N SER A 412 5.49 -5.04 -12.43
CA SER A 412 6.39 -4.22 -13.24
C SER A 412 6.21 -2.73 -12.95
N GLN A 413 5.00 -2.33 -12.55
CA GLN A 413 4.78 -0.94 -12.18
C GLN A 413 5.52 -0.58 -10.90
N ILE A 414 5.60 -1.52 -9.96
CA ILE A 414 6.37 -1.29 -8.75
C ILE A 414 7.84 -1.08 -9.07
N LYS A 415 8.31 -1.62 -10.20
CA LYS A 415 9.73 -1.73 -10.47
C LYS A 415 10.33 -0.54 -11.20
N ALA A 416 9.52 0.34 -11.81
CA ALA A 416 10.11 1.40 -12.60
C ALA A 416 10.99 2.29 -11.74
N ASP A 417 10.37 3.10 -10.88
CA ASP A 417 10.98 3.57 -9.65
C ASP A 417 12.47 3.89 -9.73
N TRP A 418 12.86 4.93 -10.46
CA TRP A 418 14.28 5.31 -10.40
C TRP A 418 14.57 6.06 -9.10
N GLU A 419 14.19 5.46 -7.98
CA GLU A 419 14.67 5.84 -6.66
C GLU A 419 15.04 4.64 -5.80
N HIS A 420 14.52 3.45 -6.11
CA HIS A 420 14.79 2.22 -5.37
C HIS A 420 15.24 1.16 -6.36
N PRO A 421 16.51 1.16 -6.76
CA PRO A 421 16.99 0.11 -7.66
C PRO A 421 17.17 -1.21 -6.94
N ASP A 422 16.09 -1.96 -6.78
CA ASP A 422 16.09 -3.23 -6.08
C ASP A 422 14.74 -3.90 -6.31
N ILE A 423 14.53 -5.04 -5.67
CA ILE A 423 13.26 -5.77 -5.73
C ILE A 423 12.72 -5.93 -4.32
N ARG A 424 12.98 -4.94 -3.46
CA ARG A 424 12.62 -5.01 -2.05
C ARG A 424 11.43 -4.11 -1.69
N LYS A 425 10.75 -3.52 -2.67
CA LYS A 425 9.67 -2.59 -2.40
C LYS A 425 8.35 -3.12 -2.96
N ARG A 426 7.26 -2.45 -2.55
CA ARG A 426 5.92 -2.89 -2.90
C ARG A 426 5.00 -1.77 -3.40
N LYS A 427 5.29 -0.51 -3.11
CA LYS A 427 4.40 0.57 -3.51
C LYS A 427 4.42 0.76 -5.03
N ILE A 428 3.27 1.16 -5.57
CA ILE A 428 3.16 1.46 -6.98
C ILE A 428 3.80 2.81 -7.24
N THR A 429 4.72 2.86 -8.21
CA THR A 429 5.49 4.09 -8.44
C THR A 429 4.58 5.23 -8.87
N VAL A 430 3.63 4.96 -9.77
CA VAL A 430 2.74 6.00 -10.25
C VAL A 430 2.00 6.63 -9.07
N LEU A 431 1.46 5.80 -8.17
CA LEU A 431 0.75 6.33 -7.03
C LEU A 431 1.68 7.12 -6.11
N LYS A 432 2.90 6.62 -5.91
CA LYS A 432 3.84 7.31 -5.03
C LYS A 432 4.14 8.72 -5.55
N TYR A 433 4.45 8.83 -6.84
CA TYR A 433 4.80 10.13 -7.38
C TYR A 433 3.57 11.02 -7.54
N ALA A 434 2.39 10.43 -7.75
CA ALA A 434 1.17 11.23 -7.71
C ALA A 434 0.95 11.84 -6.33
N ASN A 435 1.18 11.04 -5.28
CA ASN A 435 1.05 11.57 -3.92
C ASN A 435 2.08 12.66 -3.66
N ARG A 436 3.31 12.46 -4.13
CA ARG A 436 4.33 13.49 -3.96
C ARG A 436 3.95 14.77 -4.69
N MET A 437 3.43 14.65 -5.91
CA MET A 437 3.00 15.83 -6.65
C MET A 437 1.86 16.53 -5.93
N ALA A 438 0.95 15.75 -5.33
CA ALA A 438 -0.15 16.34 -4.57
C ALA A 438 0.38 17.11 -3.37
N LYS A 439 1.37 16.55 -2.66
CA LYS A 439 1.96 17.27 -1.55
C LYS A 439 2.64 18.54 -2.02
N ILE A 440 3.30 18.49 -3.17
CA ILE A 440 4.04 19.65 -3.67
C ILE A 440 3.10 20.75 -4.14
N ILE A 441 1.92 20.38 -4.64
CA ILE A 441 0.98 21.37 -5.15
C ILE A 441 0.77 22.51 -4.17
N GLN A 442 0.92 22.22 -2.87
CA GLN A 442 0.73 23.22 -1.83
C GLN A 442 1.33 24.58 -2.19
N TYR A 443 2.59 24.58 -2.64
CA TYR A 443 3.40 25.79 -2.75
C TYR A 443 3.65 26.18 -4.20
N ILE A 444 2.65 26.03 -5.06
CA ILE A 444 2.69 26.53 -6.43
C ILE A 444 1.54 27.52 -6.60
N ASN A 445 1.87 28.73 -7.04
CA ASN A 445 0.89 29.80 -7.19
C ASN A 445 0.69 30.22 -8.65
N ASN A 446 1.12 29.39 -9.59
CA ASN A 446 1.02 29.70 -11.01
C ASN A 446 0.69 28.41 -11.76
N LEU A 447 -0.57 28.25 -12.13
CA LEU A 447 -1.02 27.07 -12.88
C LEU A 447 -1.10 27.41 -14.37
N SER A 448 0.07 27.70 -14.95
CA SER A 448 0.17 28.02 -16.37
C SER A 448 0.92 26.95 -17.14
N SER A 449 2.16 26.64 -16.74
CA SER A 449 2.91 25.52 -17.30
C SER A 449 2.74 24.26 -16.47
N VAL A 450 2.00 24.33 -15.37
CA VAL A 450 1.78 23.15 -14.54
C VAL A 450 1.13 22.02 -15.32
N PRO A 451 0.15 22.26 -16.21
CA PRO A 451 -0.61 21.14 -16.80
C PRO A 451 0.22 19.97 -17.33
N SER A 452 1.50 20.19 -17.63
CA SER A 452 2.35 19.10 -18.13
C SER A 452 3.77 19.32 -17.60
N VAL A 453 4.14 18.57 -16.57
CA VAL A 453 5.50 18.56 -16.05
C VAL A 453 5.96 17.12 -15.91
N ASP A 454 7.28 16.94 -15.84
CA ASP A 454 7.88 15.63 -15.82
C ASP A 454 8.01 15.11 -14.39
N VAL A 455 8.02 13.78 -14.26
CA VAL A 455 8.20 13.17 -12.96
C VAL A 455 9.56 13.52 -12.36
N ARG A 456 10.55 13.77 -13.23
CA ARG A 456 11.90 14.07 -12.73
C ARG A 456 11.91 15.29 -11.82
N ASP A 457 10.96 16.21 -12.01
CA ASP A 457 10.89 17.37 -11.13
C ASP A 457 10.58 16.95 -9.70
N VAL A 458 9.71 15.96 -9.53
CA VAL A 458 9.30 15.50 -8.21
C VAL A 458 9.74 14.05 -8.01
N LEU A 459 10.84 13.68 -8.63
CA LEU A 459 11.36 12.31 -8.51
C LEU A 459 11.80 12.03 -7.08
N VAL B 2 2.05 -25.35 1.51
CA VAL B 2 0.97 -25.24 0.47
C VAL B 2 0.37 -23.84 0.51
N LEU B 3 1.21 -22.85 0.75
CA LEU B 3 0.79 -21.44 0.74
C LEU B 3 -0.45 -21.22 1.59
N GLU B 4 -0.46 -21.79 2.79
CA GLU B 4 -1.55 -21.56 3.72
C GLU B 4 -1.58 -20.10 4.14
N SER B 5 -2.78 -19.60 4.39
CA SER B 5 -2.99 -18.19 4.72
C SER B 5 -3.72 -18.07 6.06
N ASN B 6 -4.10 -16.84 6.41
CA ASN B 6 -4.82 -16.56 7.64
C ASN B 6 -6.30 -16.32 7.42
N MET B 7 -6.80 -16.50 6.19
CA MET B 7 -8.17 -16.19 5.85
C MET B 7 -9.03 -17.45 5.92
N PHE B 8 -10.17 -17.34 6.60
CA PHE B 8 -11.19 -18.36 6.60
C PHE B 8 -12.32 -17.89 5.69
N LYS B 9 -12.56 -18.63 4.62
CA LYS B 9 -13.58 -18.27 3.64
C LYS B 9 -14.70 -19.29 3.67
N THR B 10 -15.91 -18.83 3.38
CA THR B 10 -17.01 -19.76 3.16
C THR B 10 -16.74 -20.57 1.89
N GLU B 11 -17.62 -21.53 1.61
CA GLU B 11 -17.47 -22.41 0.45
C GLU B 11 -18.58 -22.21 -0.57
N GLN B 12 -19.80 -21.91 -0.13
CA GLN B 12 -20.90 -21.55 -1.00
C GLN B 12 -21.28 -20.10 -0.75
N GLU B 13 -22.23 -19.61 -1.55
CA GLU B 13 -22.73 -18.26 -1.35
C GLU B 13 -23.54 -18.19 -0.05
N LEU B 14 -23.23 -17.20 0.78
CA LEU B 14 -23.93 -17.00 2.04
C LEU B 14 -25.43 -17.05 1.81
N PRO B 15 -26.13 -18.08 2.30
CA PRO B 15 -27.56 -18.17 2.02
C PRO B 15 -28.33 -16.99 2.57
N GLU B 16 -29.46 -16.70 1.93
CA GLU B 16 -30.34 -15.60 2.31
C GLU B 16 -30.49 -15.50 3.81
N LEU B 17 -30.20 -14.33 4.37
CA LEU B 17 -30.29 -14.11 5.81
C LEU B 17 -31.67 -13.55 6.15
N ILE B 18 -32.15 -13.93 7.33
CA ILE B 18 -33.45 -13.47 7.83
C ILE B 18 -33.25 -12.90 9.22
N VAL B 19 -33.72 -11.67 9.43
CA VAL B 19 -33.48 -10.96 10.68
C VAL B 19 -34.80 -10.39 11.20
N ASN B 20 -34.91 -10.36 12.54
CA ASN B 20 -36.06 -9.81 13.23
C ASN B 20 -35.75 -8.39 13.66
N CYS B 21 -36.70 -7.48 13.48
CA CYS B 21 -36.47 -6.07 13.74
C CYS B 21 -37.32 -5.61 14.91
N ILE B 22 -36.81 -4.61 15.63
CA ILE B 22 -37.55 -3.95 16.71
C ILE B 22 -37.40 -2.44 16.52
N GLU B 23 -38.50 -1.72 16.71
CA GLU B 23 -38.52 -0.27 16.54
C GLU B 23 -37.97 0.40 17.79
N ILE B 24 -36.86 1.10 17.64
CA ILE B 24 -36.23 1.85 18.73
C ILE B 24 -36.23 3.33 18.35
N ASP B 25 -36.53 4.19 19.33
CA ASP B 25 -36.65 5.62 19.11
C ASP B 25 -35.38 6.39 19.47
N ASN B 26 -34.30 5.71 19.85
CA ASN B 26 -33.05 6.37 20.24
C ASN B 26 -31.89 5.51 19.74
N GLU B 27 -31.32 5.91 18.60
CA GLU B 27 -30.21 5.15 18.01
C GLU B 27 -28.97 5.21 18.90
N LYS B 28 -28.69 6.37 19.49
CA LYS B 28 -27.46 6.53 20.26
C LYS B 28 -27.37 5.49 21.36
N GLU B 29 -28.42 5.38 22.18
CA GLU B 29 -28.45 4.35 23.21
C GLU B 29 -28.67 2.97 22.62
N ALA B 30 -29.24 2.88 21.42
CA ALA B 30 -29.41 1.59 20.78
C ALA B 30 -28.07 0.93 20.46
N HIS B 31 -27.06 1.74 20.14
CA HIS B 31 -25.74 1.18 19.90
C HIS B 31 -25.17 0.54 21.17
N LYS B 32 -25.30 1.21 22.30
CA LYS B 32 -24.88 0.60 23.57
C LYS B 32 -25.72 -0.64 23.84
N VAL B 33 -27.00 -0.61 23.48
CA VAL B 33 -27.86 -1.77 23.70
C VAL B 33 -27.35 -2.98 22.92
N VAL B 34 -27.01 -2.78 21.65
CA VAL B 34 -26.51 -3.91 20.85
C VAL B 34 -25.17 -4.38 21.41
N LYS B 35 -24.29 -3.45 21.79
CA LYS B 35 -23.03 -3.85 22.40
C LYS B 35 -23.28 -4.76 23.60
N GLU B 36 -24.20 -4.36 24.48
CA GLU B 36 -24.46 -5.15 25.68
C GLU B 36 -25.08 -6.50 25.35
N ILE B 37 -26.15 -6.51 24.53
CA ILE B 37 -26.86 -7.74 24.27
C ILE B 37 -26.07 -8.70 23.40
N SER B 38 -24.93 -8.27 22.83
CA SER B 38 -24.11 -9.22 22.08
C SER B 38 -23.66 -10.39 22.93
N LYS B 39 -23.66 -10.26 24.25
CA LYS B 39 -23.21 -11.34 25.13
C LYS B 39 -24.28 -12.41 25.35
N TYR B 40 -25.56 -12.07 25.24
CA TYR B 40 -26.64 -12.98 25.57
C TYR B 40 -27.13 -13.78 24.36
N GLY B 41 -26.47 -13.65 23.22
CA GLY B 41 -26.85 -14.40 22.04
C GLY B 41 -27.70 -13.64 21.03
N ILE B 42 -27.88 -12.34 21.22
CA ILE B 42 -28.64 -11.51 20.30
C ILE B 42 -27.63 -10.70 19.50
N PHE B 43 -27.54 -10.97 18.20
CA PHE B 43 -26.58 -10.33 17.31
C PHE B 43 -27.34 -9.36 16.43
N GLY B 44 -27.16 -8.06 16.68
CA GLY B 44 -28.00 -7.06 16.06
C GLY B 44 -27.23 -5.83 15.61
N VAL B 45 -27.89 -5.05 14.75
CA VAL B 45 -27.36 -3.82 14.19
C VAL B 45 -28.48 -2.79 14.15
N VAL B 46 -28.13 -1.54 14.43
CA VAL B 46 -29.11 -0.45 14.51
C VAL B 46 -29.11 0.27 13.17
N ARG B 47 -30.19 0.12 12.40
CA ARG B 47 -30.33 0.78 11.12
C ARG B 47 -31.79 1.17 10.90
N GLU B 48 -32.00 2.36 10.35
CA GLU B 48 -33.35 2.83 10.01
C GLU B 48 -34.25 2.81 11.24
N LYS B 49 -33.71 3.24 12.37
CA LYS B 49 -34.42 3.30 13.65
C LYS B 49 -34.76 1.92 14.20
N LYS B 50 -34.44 0.85 13.49
CA LYS B 50 -34.78 -0.50 13.90
C LYS B 50 -33.52 -1.27 14.25
N ILE B 51 -33.58 -2.02 15.34
CA ILE B 51 -32.54 -3.01 15.64
C ILE B 51 -32.92 -4.28 14.90
N PHE B 52 -32.14 -4.62 13.88
CA PHE B 52 -32.28 -5.88 13.16
C PHE B 52 -31.30 -6.87 13.76
N PHE B 53 -31.79 -8.05 14.15
CA PHE B 53 -30.92 -9.01 14.81
C PHE B 53 -31.31 -10.43 14.46
N THR B 54 -30.35 -11.32 14.63
CA THR B 54 -30.58 -12.76 14.72
C THR B 54 -30.29 -13.20 16.15
N THR B 55 -30.67 -14.43 16.46
CA THR B 55 -30.52 -14.93 17.82
C THR B 55 -30.32 -16.43 17.79
N VAL B 56 -29.70 -16.94 18.85
CA VAL B 56 -29.50 -18.37 19.06
C VAL B 56 -30.38 -18.88 20.20
N ILE B 57 -31.36 -18.10 20.64
CA ILE B 57 -32.23 -18.46 21.75
C ILE B 57 -33.54 -18.95 21.18
N GLU B 58 -33.89 -20.21 21.46
CA GLU B 58 -35.14 -20.77 20.98
C GLU B 58 -36.35 -20.29 21.77
N ASP B 59 -36.15 -19.82 23.00
CA ASP B 59 -37.25 -19.37 23.84
C ASP B 59 -37.59 -17.93 23.46
N ASP B 60 -38.76 -17.74 22.84
CA ASP B 60 -39.18 -16.39 22.46
C ASP B 60 -39.38 -15.51 23.68
N ASP B 61 -39.98 -16.06 24.74
CA ASP B 61 -40.20 -15.29 25.96
C ASP B 61 -38.88 -14.85 26.58
N PHE B 62 -37.89 -15.74 26.61
CA PHE B 62 -36.59 -15.40 27.17
C PHE B 62 -35.95 -14.25 26.40
N LEU B 63 -35.96 -14.34 25.06
CA LEU B 63 -35.38 -13.29 24.24
C LEU B 63 -36.12 -11.98 24.44
N LYS B 64 -37.45 -12.03 24.49
CA LYS B 64 -38.23 -10.82 24.72
C LYS B 64 -37.86 -10.18 26.06
N ASP B 65 -37.77 -11.00 27.12
CA ASP B 65 -37.44 -10.46 28.43
C ASP B 65 -36.05 -9.84 28.43
N ARG B 66 -35.07 -10.51 27.82
CA ARG B 66 -33.72 -9.98 27.80
C ARG B 66 -33.67 -8.64 27.07
N LEU B 67 -34.24 -8.59 25.86
CA LEU B 67 -34.23 -7.34 25.10
C LEU B 67 -34.97 -6.24 25.86
N THR B 68 -36.13 -6.56 26.42
CA THR B 68 -36.92 -5.55 27.11
C THR B 68 -36.16 -4.98 28.31
N GLU B 69 -35.54 -5.86 29.10
CA GLU B 69 -34.76 -5.40 30.25
C GLU B 69 -33.62 -4.49 29.79
N VAL B 70 -32.84 -4.96 28.80
CA VAL B 70 -31.67 -4.19 28.39
C VAL B 70 -32.10 -2.84 27.81
N LEU B 71 -33.22 -2.81 27.09
CA LEU B 71 -33.70 -1.55 26.53
C LEU B 71 -34.18 -0.62 27.63
N LYS B 72 -34.85 -1.15 28.66
CA LYS B 72 -35.27 -0.29 29.76
C LYS B 72 -34.06 0.29 30.50
N ASN B 73 -32.99 -0.49 30.65
CA ASN B 73 -31.81 0.01 31.34
C ASN B 73 -31.22 1.23 30.65
N TYR B 74 -31.50 1.43 29.36
CA TYR B 74 -30.97 2.55 28.61
C TYR B 74 -32.02 3.61 28.31
N ASN B 75 -33.21 3.50 28.89
CA ASN B 75 -34.26 4.51 28.72
C ASN B 75 -34.62 4.67 27.24
N ILE B 76 -35.14 3.60 26.66
CA ILE B 76 -35.51 3.56 25.26
C ILE B 76 -36.97 3.12 25.16
N ASN B 77 -37.76 3.85 24.39
CA ASN B 77 -39.12 3.42 24.06
C ASN B 77 -39.06 2.55 22.81
N PHE B 78 -39.60 1.33 22.92
CA PHE B 78 -39.47 0.35 21.86
C PHE B 78 -40.81 -0.28 21.49
N SER B 79 -40.79 -1.33 20.69
CA SER B 79 -41.99 -1.99 20.21
C SER B 79 -41.78 -3.50 20.26
N ASP B 80 -42.66 -4.24 19.61
CA ASP B 80 -42.61 -5.69 19.64
C ASP B 80 -41.70 -6.23 18.54
N ILE B 81 -41.28 -7.48 18.71
CA ILE B 81 -40.44 -8.14 17.72
C ILE B 81 -41.25 -8.39 16.45
N LYS B 82 -40.55 -8.40 15.31
CA LYS B 82 -41.21 -8.51 14.02
C LYS B 82 -41.09 -9.89 13.39
N LYS B 83 -40.23 -10.76 13.91
CA LYS B 83 -40.27 -12.18 13.57
C LYS B 83 -40.11 -12.41 12.06
N ASN B 84 -38.87 -12.23 11.61
CA ASN B 84 -38.52 -12.23 10.19
C ASN B 84 -38.92 -10.92 9.55
N CYS B 85 -38.63 -9.83 10.24
CA CYS B 85 -38.88 -8.49 9.70
C CYS B 85 -38.28 -8.33 8.32
N LYS B 86 -37.02 -8.70 8.15
CA LYS B 86 -36.28 -8.37 6.94
C LYS B 86 -35.52 -9.56 6.40
N LYS B 87 -35.38 -9.59 5.08
CA LYS B 87 -34.50 -10.52 4.37
C LYS B 87 -33.30 -9.73 3.86
N ILE B 88 -32.11 -10.26 4.09
CA ILE B 88 -30.86 -9.57 3.78
C ILE B 88 -29.97 -10.52 2.98
N ILE B 89 -29.64 -10.12 1.77
CA ILE B 89 -28.55 -10.74 1.02
C ILE B 89 -27.26 -10.03 1.43
N PRO B 90 -26.25 -10.74 1.92
CA PRO B 90 -25.07 -10.04 2.43
C PRO B 90 -24.44 -9.09 1.42
N GLU B 91 -24.40 -9.48 0.14
CA GLU B 91 -23.75 -8.63 -0.85
C GLU B 91 -24.44 -7.27 -0.98
N ASP B 92 -25.76 -7.27 -1.04
CA ASP B 92 -26.49 -6.00 -1.17
C ASP B 92 -26.32 -5.14 0.07
N ASN B 93 -26.40 -5.74 1.25
CA ASN B 93 -26.20 -5.06 2.52
C ASN B 93 -25.00 -5.70 3.20
N LYS B 94 -23.81 -5.15 2.96
CA LYS B 94 -22.60 -5.72 3.53
C LYS B 94 -22.47 -5.38 5.00
N ASP B 95 -22.87 -4.18 5.41
CA ASP B 95 -22.68 -3.76 6.80
C ASP B 95 -23.62 -4.51 7.73
N TYR B 96 -24.86 -4.79 7.29
CA TYR B 96 -25.77 -5.57 8.13
C TYR B 96 -25.15 -6.92 8.48
N PHE B 97 -24.74 -7.67 7.46
CA PHE B 97 -24.16 -8.98 7.70
C PHE B 97 -22.85 -8.86 8.46
N SER B 98 -22.04 -7.84 8.15
CA SER B 98 -20.77 -7.70 8.84
C SER B 98 -20.97 -7.51 10.33
N GLN B 99 -21.88 -6.62 10.73
CA GLN B 99 -22.08 -6.35 12.15
C GLN B 99 -22.75 -7.53 12.85
N ILE B 100 -23.73 -8.16 12.21
CA ILE B 100 -24.36 -9.32 12.84
C ILE B 100 -23.33 -10.45 13.01
N PHE B 101 -22.51 -10.67 11.99
CA PHE B 101 -21.48 -11.70 12.05
C PHE B 101 -20.46 -11.40 13.14
N LEU B 102 -20.04 -10.15 13.28
CA LEU B 102 -19.09 -9.80 14.32
C LEU B 102 -19.70 -9.97 15.71
N ASN B 103 -20.98 -9.63 15.87
CA ASN B 103 -21.61 -9.86 17.16
C ASN B 103 -21.70 -11.35 17.48
N ALA B 104 -22.01 -12.17 16.49
CA ALA B 104 -22.04 -13.62 16.71
C ALA B 104 -20.65 -14.14 17.08
N LEU B 105 -19.62 -13.65 16.40
CA LEU B 105 -18.26 -14.06 16.73
C LEU B 105 -17.89 -13.64 18.15
N ARG B 106 -18.27 -12.42 18.54
CA ARG B 106 -18.03 -11.98 19.92
C ARG B 106 -18.72 -12.92 20.90
N TYR B 107 -19.96 -13.31 20.61
CA TYR B 107 -20.67 -14.23 21.50
C TYR B 107 -19.94 -15.57 21.61
N VAL B 108 -19.48 -16.10 20.48
CA VAL B 108 -18.78 -17.38 20.51
C VAL B 108 -17.50 -17.28 21.33
N ILE B 109 -16.73 -16.20 21.13
CA ILE B 109 -15.50 -16.02 21.88
C ILE B 109 -15.80 -15.87 23.37
N TYR B 110 -16.86 -15.12 23.71
CA TYR B 110 -17.23 -14.98 25.11
C TYR B 110 -17.57 -16.32 25.73
N GLN B 111 -18.32 -17.15 25.00
CA GLN B 111 -18.66 -18.47 25.53
C GLN B 111 -17.41 -19.32 25.75
N LYS B 112 -16.47 -19.26 24.81
CA LYS B 112 -15.26 -20.08 24.95
C LYS B 112 -14.34 -19.57 26.06
N LEU B 113 -14.38 -18.27 26.34
CA LEU B 113 -13.48 -17.69 27.34
C LEU B 113 -13.60 -18.42 28.68
N GLU B 114 -14.82 -18.80 29.06
CA GLU B 114 -15.02 -19.39 30.37
C GLU B 114 -14.23 -20.69 30.54
N ASP B 115 -13.98 -21.40 29.45
CA ASP B 115 -13.30 -22.69 29.51
C ASP B 115 -11.87 -22.67 28.97
N ILE B 116 -11.46 -21.61 28.27
CA ILE B 116 -10.07 -21.50 27.84
C ILE B 116 -9.27 -20.53 28.72
N ASN B 117 -9.73 -20.32 29.95
CA ASN B 117 -9.01 -19.47 30.91
C ASN B 117 -8.81 -20.13 32.25
N LYS B 118 -9.20 -21.40 32.41
CA LYS B 118 -9.04 -22.08 33.70
C LYS B 118 -7.56 -22.19 34.07
N ASP B 119 -6.74 -22.72 33.17
CA ASP B 119 -5.30 -22.86 33.39
C ASP B 119 -4.59 -21.69 32.72
N LYS B 120 -4.67 -20.53 33.36
CA LYS B 120 -4.06 -19.32 32.83
C LYS B 120 -3.67 -18.41 33.98
N LYS B 121 -2.76 -17.48 33.69
CA LYS B 121 -2.33 -16.48 34.65
C LYS B 121 -2.97 -15.13 34.30
N GLU B 122 -2.80 -14.17 35.20
CA GLU B 122 -3.36 -12.83 34.97
C GLU B 122 -2.71 -12.14 33.79
N ASN B 123 -1.53 -12.59 33.35
CA ASN B 123 -0.85 -12.04 32.20
C ASN B 123 -1.10 -12.84 30.93
N GLU B 124 -2.00 -13.83 30.98
CA GLU B 124 -2.32 -14.64 29.82
C GLU B 124 -3.81 -14.93 29.70
N ARG B 125 -4.66 -14.23 30.44
CA ARG B 125 -6.10 -14.46 30.36
C ARG B 125 -6.68 -13.73 29.16
N TRP B 126 -7.42 -14.47 28.34
CA TRP B 126 -8.04 -13.88 27.17
C TRP B 126 -9.14 -12.91 27.57
N THR B 127 -9.28 -11.83 26.80
CA THR B 127 -10.31 -10.84 27.04
C THR B 127 -10.70 -10.22 25.70
N ILE B 128 -11.86 -9.58 25.69
CA ILE B 128 -12.34 -8.83 24.53
C ILE B 128 -12.27 -7.35 24.88
N ASN B 129 -11.50 -6.60 24.11
CA ASN B 129 -11.31 -5.17 24.37
C ASN B 129 -12.52 -4.41 23.82
N GLU B 130 -13.32 -3.84 24.70
CA GLU B 130 -14.51 -3.09 24.31
C GLU B 130 -14.15 -1.62 24.04
N SER B 131 -13.29 -1.44 23.04
CA SER B 131 -12.81 -0.12 22.67
C SER B 131 -13.07 0.16 21.19
N GLU B 132 -12.48 1.24 20.67
CA GLU B 132 -12.73 1.70 19.31
C GLU B 132 -12.02 0.78 18.32
N ASP B 133 -12.66 -0.35 18.05
CA ASP B 133 -12.15 -1.35 17.11
C ASP B 133 -13.25 -2.40 16.92
N GLY B 134 -12.95 -3.44 16.18
CA GLY B 134 -13.90 -4.52 15.96
C GLY B 134 -13.79 -5.55 17.06
N VAL B 135 -13.45 -6.79 16.71
CA VAL B 135 -13.24 -7.87 17.66
C VAL B 135 -11.74 -7.99 17.91
N TYR B 136 -11.34 -7.93 19.18
CA TYR B 136 -9.93 -7.97 19.54
C TYR B 136 -9.77 -8.86 20.76
N ILE B 137 -9.09 -10.00 20.58
CA ILE B 137 -8.82 -10.94 21.66
C ILE B 137 -7.43 -10.60 22.20
N CYS B 138 -7.38 -9.95 23.36
CA CYS B 138 -6.12 -9.68 24.04
C CYS B 138 -5.72 -10.88 24.89
N LYS B 139 -4.50 -11.38 24.66
CA LYS B 139 -4.06 -12.59 25.36
C LYS B 139 -2.63 -12.52 25.88
N GLU B 140 -1.96 -11.38 25.80
CA GLU B 140 -0.66 -11.24 26.45
C GLU B 140 -0.51 -9.82 26.93
N ARG B 141 -0.01 -9.66 28.16
CA ARG B 141 0.11 -8.36 28.80
C ARG B 141 1.57 -8.11 29.19
N TYR B 142 1.98 -6.84 29.12
CA TYR B 142 3.30 -6.44 29.55
C TYR B 142 3.25 -5.04 30.12
N ASP B 143 4.16 -4.74 31.04
CA ASP B 143 4.23 -3.46 31.73
C ASP B 143 5.58 -2.79 31.47
N ILE B 144 5.98 -2.72 30.21
CA ILE B 144 7.34 -2.36 29.85
C ILE B 144 7.58 -0.90 30.23
N ASP B 145 8.46 -0.68 31.21
CA ASP B 145 8.79 0.67 31.67
C ASP B 145 7.55 1.43 32.09
N ASN B 146 6.69 0.76 32.86
CA ASN B 146 5.42 1.32 33.33
C ASN B 146 4.51 1.74 32.19
N TYR B 147 4.75 1.21 30.99
CA TYR B 147 3.85 1.36 29.85
C TYR B 147 3.14 0.03 29.63
N LYS B 148 1.81 0.05 29.76
CA LYS B 148 1.01 -1.15 29.62
C LYS B 148 0.74 -1.42 28.14
N ILE B 149 1.13 -2.60 27.67
CA ILE B 149 0.94 -3.00 26.28
C ILE B 149 0.39 -4.42 26.27
N CYS B 150 -0.22 -4.79 25.14
CA CYS B 150 -0.79 -6.13 25.06
C CYS B 150 -0.76 -6.63 23.62
N VAL B 151 -0.43 -7.92 23.50
CA VAL B 151 -0.48 -8.63 22.22
C VAL B 151 -1.77 -9.44 22.17
N GLY B 152 -2.47 -9.36 21.04
CA GLY B 152 -3.69 -10.12 20.83
C GLY B 152 -3.93 -10.41 19.37
N ALA B 153 -5.09 -10.99 19.05
CA ALA B 153 -5.48 -11.29 17.69
C ALA B 153 -6.68 -10.41 17.32
N LYS B 154 -6.56 -9.68 16.22
CA LYS B 154 -7.66 -8.91 15.68
C LYS B 154 -8.37 -9.69 14.59
N PHE B 155 -9.70 -9.56 14.56
CA PHE B 155 -10.55 -10.19 13.59
C PHE B 155 -11.23 -9.13 12.72
N THR B 156 -11.29 -9.40 11.41
CA THR B 156 -12.05 -8.56 10.49
C THR B 156 -12.88 -9.47 9.58
N ILE B 157 -13.99 -8.93 9.08
CA ILE B 157 -14.89 -9.67 8.21
C ILE B 157 -15.06 -8.89 6.92
N LYS B 158 -15.10 -9.61 5.81
CA LYS B 158 -15.43 -9.04 4.51
C LYS B 158 -16.42 -9.94 3.81
N VAL B 159 -17.19 -9.36 2.90
CA VAL B 159 -18.08 -10.10 2.02
C VAL B 159 -17.63 -9.85 0.60
N PHE B 160 -17.21 -10.91 -0.08
CA PHE B 160 -16.77 -10.82 -1.47
C PHE B 160 -17.47 -11.89 -2.28
N ASP B 161 -18.09 -11.49 -3.39
CA ASP B 161 -18.84 -12.40 -4.25
C ASP B 161 -19.88 -13.15 -3.45
N ASN B 162 -20.52 -12.45 -2.51
CA ASN B 162 -21.54 -13.05 -1.64
C ASN B 162 -20.97 -14.24 -0.88
N LYS B 163 -19.73 -14.11 -0.42
CA LYS B 163 -19.10 -15.12 0.42
C LYS B 163 -18.36 -14.43 1.54
N ALA B 164 -18.45 -15.01 2.75
CA ALA B 164 -17.82 -14.42 3.91
C ALA B 164 -16.36 -14.79 3.98
N GLU B 165 -15.54 -13.85 4.46
CA GLU B 165 -14.11 -14.04 4.61
C GLU B 165 -13.67 -13.37 5.91
N LEU B 166 -13.19 -14.17 6.85
CA LEU B 166 -12.74 -13.69 8.15
C LEU B 166 -11.22 -13.76 8.21
N TYR B 167 -10.60 -12.62 8.53
CA TYR B 167 -9.16 -12.50 8.65
C TYR B 167 -8.81 -12.33 10.12
N VAL B 168 -7.96 -13.21 10.63
CA VAL B 168 -7.42 -13.12 11.99
C VAL B 168 -5.93 -12.86 11.87
N ASP B 169 -5.45 -11.81 12.54
CA ASP B 169 -4.04 -11.46 12.49
C ASP B 169 -3.57 -11.05 13.88
N ARG B 170 -2.25 -10.97 14.03
CA ARG B 170 -1.63 -10.68 15.31
C ARG B 170 -1.32 -9.20 15.40
N LYS B 171 -1.85 -8.53 16.42
CA LYS B 171 -1.67 -7.09 16.59
C LYS B 171 -1.34 -6.76 18.04
N LEU B 172 -0.53 -5.74 18.21
CA LEU B 172 -0.13 -5.23 19.51
C LEU B 172 -0.76 -3.86 19.73
N LYS B 173 -1.18 -3.60 20.96
CA LYS B 173 -1.87 -2.35 21.29
C LYS B 173 -1.32 -1.77 22.58
N LEU B 174 -1.46 -0.45 22.71
CA LEU B 174 -0.96 0.31 23.85
C LEU B 174 -2.14 1.02 24.51
N TYR B 175 -2.35 0.76 25.80
CA TYR B 175 -3.40 1.42 26.56
C TYR B 175 -2.83 2.33 27.64
N ASP B 176 -1.85 3.16 27.27
CA ASP B 176 -1.29 4.16 28.15
C ASP B 176 -1.90 5.51 27.82
N GLU B 177 -2.44 6.18 28.84
CA GLU B 177 -3.10 7.45 28.61
C GLU B 177 -2.10 8.53 28.19
N ASP B 178 -0.87 8.45 28.66
CA ASP B 178 0.13 9.47 28.36
C ASP B 178 0.80 9.17 27.01
N LYS B 179 1.61 10.12 26.55
CA LYS B 179 2.33 9.98 25.30
C LYS B 179 3.64 9.23 25.52
N LYS B 180 4.04 8.43 24.54
CA LYS B 180 5.27 7.67 24.63
C LYS B 180 6.46 8.59 24.82
N LEU B 181 6.75 9.41 23.80
CA LEU B 181 7.82 10.40 23.86
C LEU B 181 9.16 9.78 24.26
N THR B 182 9.31 8.46 24.07
CA THR B 182 10.53 7.75 24.40
C THR B 182 10.95 6.88 23.23
N ARG B 183 12.26 6.66 23.10
CA ARG B 183 12.79 5.82 22.03
C ARG B 183 13.01 4.38 22.47
N LYS B 184 13.34 4.17 23.76
CA LYS B 184 13.54 2.81 24.24
C LYS B 184 12.24 2.01 24.18
N LEU B 185 11.11 2.66 24.51
CA LEU B 185 9.82 1.98 24.44
C LEU B 185 9.52 1.56 23.01
N ARG B 186 9.80 2.43 22.04
CA ARG B 186 9.57 2.08 20.64
C ARG B 186 10.52 0.97 20.20
N GLY B 187 11.77 1.00 20.66
CA GLY B 187 12.68 -0.09 20.35
C GLY B 187 12.14 -1.42 20.84
N LYS B 188 11.67 -1.46 22.09
CA LYS B 188 11.14 -2.71 22.64
C LYS B 188 9.85 -3.11 21.92
N ILE B 189 8.99 -2.15 21.59
CA ILE B 189 7.72 -2.46 20.95
C ILE B 189 7.99 -3.06 19.57
N ASN B 190 8.99 -2.54 18.86
CA ASN B 190 9.40 -3.17 17.61
C ASN B 190 9.98 -4.54 17.86
N LYS B 191 10.77 -4.69 18.94
CA LYS B 191 11.38 -5.98 19.22
C LYS B 191 10.32 -7.07 19.37
N MET B 192 9.20 -6.75 20.01
CA MET B 192 8.20 -7.78 20.31
C MET B 192 7.03 -7.78 19.36
N SER B 193 6.87 -6.75 18.51
CA SER B 193 5.75 -6.68 17.59
C SER B 193 6.12 -6.99 16.16
N VAL B 194 7.40 -6.99 15.82
CA VAL B 194 7.89 -7.45 14.52
C VAL B 194 8.57 -8.78 14.76
N VAL B 195 7.99 -9.85 14.19
CA VAL B 195 8.49 -11.20 14.39
C VAL B 195 8.56 -11.89 13.04
N GLU B 196 9.30 -12.99 13.01
CA GLU B 196 9.33 -13.83 11.84
C GLU B 196 7.95 -14.43 11.62
N PRO B 197 7.64 -14.88 10.41
CA PRO B 197 6.30 -15.44 10.17
C PRO B 197 6.17 -16.87 10.66
N LYS B 198 6.71 -17.14 11.84
CA LYS B 198 6.52 -18.41 12.54
C LYS B 198 5.98 -18.19 13.94
N THR B 199 6.42 -17.13 14.62
CA THR B 199 5.72 -16.70 15.82
C THR B 199 4.29 -16.26 15.47
N ARG B 200 4.14 -15.55 14.36
CA ARG B 200 2.83 -15.07 13.95
C ARG B 200 1.93 -16.23 13.53
N TYR B 201 2.46 -17.15 12.74
CA TYR B 201 1.64 -18.27 12.28
C TYR B 201 1.20 -19.16 13.44
N GLU B 202 2.12 -19.46 14.36
CA GLU B 202 1.76 -20.26 15.52
C GLU B 202 0.81 -19.50 16.45
N PHE B 203 0.97 -18.19 16.55
CA PHE B 203 0.03 -17.38 17.33
C PHE B 203 -1.37 -17.49 16.76
N ILE B 204 -1.49 -17.35 15.43
CA ILE B 204 -2.80 -17.46 14.78
C ILE B 204 -3.37 -18.85 14.99
N ARG B 205 -2.54 -19.89 14.84
CA ARG B 205 -3.01 -21.25 15.02
C ARG B 205 -3.53 -21.47 16.44
N GLU B 206 -2.80 -20.99 17.44
CA GLU B 206 -3.27 -21.12 18.81
C GLU B 206 -4.57 -20.37 19.03
N ILE B 207 -4.66 -19.15 18.51
CA ILE B 207 -5.87 -18.36 18.67
C ILE B 207 -7.08 -19.11 18.12
N ILE B 208 -6.95 -19.64 16.90
CA ILE B 208 -8.09 -20.31 16.28
C ILE B 208 -8.39 -21.62 16.98
N GLN B 209 -7.36 -22.36 17.37
CA GLN B 209 -7.58 -23.67 17.99
C GLN B 209 -8.29 -23.53 19.33
N GLU B 210 -7.92 -22.51 20.12
CA GLU B 210 -8.51 -22.35 21.44
C GLU B 210 -9.99 -21.97 21.39
N ILE B 211 -10.51 -21.60 20.22
CA ILE B 211 -11.90 -21.18 20.10
C ILE B 211 -12.70 -22.06 19.14
N SER B 212 -12.05 -22.90 18.33
CA SER B 212 -12.80 -23.75 17.42
C SER B 212 -12.18 -25.15 17.30
N GLY B 213 -11.46 -25.61 18.32
CA GLY B 213 -10.85 -26.92 18.26
C GLY B 213 -9.84 -27.02 17.13
N ASN B 214 -10.17 -27.77 16.09
CA ASN B 214 -9.33 -27.81 14.90
C ASN B 214 -9.37 -26.47 14.19
N PHE B 215 -8.20 -26.01 13.75
CA PHE B 215 -8.08 -24.70 13.13
C PHE B 215 -8.19 -24.74 11.62
N ASP B 216 -8.44 -25.91 11.02
CA ASP B 216 -8.74 -25.97 9.60
C ASP B 216 -10.08 -25.34 9.26
N TYR B 217 -10.92 -25.08 10.26
CA TYR B 217 -12.25 -24.52 10.02
C TYR B 217 -12.73 -23.80 11.26
N ILE B 218 -13.68 -22.89 11.04
CA ILE B 218 -14.35 -22.17 12.11
C ILE B 218 -15.83 -22.13 11.79
N ASN B 219 -16.66 -22.48 12.76
CA ASN B 219 -18.11 -22.44 12.61
C ASN B 219 -18.67 -21.36 13.52
N ILE B 220 -19.42 -20.43 12.94
CA ILE B 220 -20.03 -19.33 13.67
C ILE B 220 -21.53 -19.39 13.46
N LYS B 221 -22.27 -19.60 14.54
CA LYS B 221 -23.72 -19.73 14.47
C LYS B 221 -24.37 -18.36 14.60
N LEU B 222 -25.12 -17.95 13.58
CA LEU B 222 -25.86 -16.69 13.61
C LEU B 222 -27.32 -16.88 13.97
N SER B 223 -27.87 -18.07 13.75
CA SER B 223 -29.25 -18.35 14.10
C SER B 223 -29.39 -19.86 14.26
N LYS B 224 -30.59 -20.28 14.69
CA LYS B 224 -30.83 -21.69 14.95
C LYS B 224 -30.64 -22.54 13.70
N ASP B 225 -30.72 -21.96 12.51
CA ASP B 225 -30.57 -22.69 11.26
C ASP B 225 -29.56 -22.08 10.31
N TYR B 226 -29.04 -20.89 10.58
CA TYR B 226 -28.09 -20.22 9.71
C TYR B 226 -26.73 -20.21 10.41
N THR B 227 -25.83 -21.06 9.92
CA THR B 227 -24.48 -21.18 10.46
C THR B 227 -23.47 -20.94 9.35
N VAL B 228 -22.48 -20.10 9.62
CA VAL B 228 -21.39 -19.84 8.69
C VAL B 228 -20.28 -20.84 9.00
N ASN B 229 -20.12 -21.83 8.13
CA ASN B 229 -19.08 -22.85 8.27
C ASN B 229 -17.96 -22.48 7.30
N MET B 230 -16.87 -21.95 7.83
CA MET B 230 -15.80 -21.37 7.02
C MET B 230 -14.53 -22.19 7.21
N THR B 231 -13.70 -22.23 6.16
CA THR B 231 -12.50 -23.04 6.15
C THR B 231 -11.31 -22.20 5.74
N ARG B 232 -10.15 -22.53 6.31
CA ARG B 232 -8.92 -21.88 5.88
C ARG B 232 -8.54 -22.36 4.48
N THR B 233 -7.96 -21.45 3.70
CA THR B 233 -7.80 -21.66 2.26
C THR B 233 -6.95 -22.89 1.96
N LYS B 234 -5.67 -22.85 2.32
CA LYS B 234 -4.73 -23.91 2.01
C LYS B 234 -4.76 -24.25 0.52
N LEU B 235 -4.53 -23.22 -0.29
CA LEU B 235 -4.49 -23.37 -1.74
C LEU B 235 -3.12 -23.84 -2.20
N ASN B 236 -3.07 -24.83 -3.09
CA ASN B 236 -1.80 -25.41 -3.50
C ASN B 236 -1.12 -24.57 -4.59
N GLU B 237 -1.74 -24.46 -5.75
CA GLU B 237 -1.13 -23.80 -6.90
C GLU B 237 -2.16 -23.74 -8.03
N LYS B 238 -1.70 -23.29 -9.19
CA LYS B 238 -2.54 -23.22 -10.38
C LYS B 238 -2.72 -24.59 -11.01
MG MG E . 14.61 13.73 -4.74
#